data_5FJN
#
_entry.id   5FJN
#
_cell.length_a   72.810
_cell.length_b   93.320
_cell.length_c   75.070
_cell.angle_alpha   90.00
_cell.angle_beta   103.22
_cell.angle_gamma   90.00
#
_symmetry.space_group_name_H-M   'P 1 21 1'
#
loop_
_entity.id
_entity.type
_entity.pdbx_description
1 polymer 'L-AMINO ACID DEAMINASE'
2 non-polymer 'FLAVIN-ADENINE DINUCLEOTIDE'
3 non-polymer '2-AMINOBENZOIC ACID'
4 water water
#
_entity_poly.entity_id   1
_entity_poly.type   'polypeptide(L)'
_entity_poly.pdbx_seq_one_letter_code
;MHHHHHHASMVRRDGKFVESKSRALFVESTEGALPSESDVVIIGGGIQGIMTAINLAERGMSVTILEKGEVAGEQSGRAY
SQIISYQTSPEIFPLHHYGKILWRGMNEKIGADTSYRTQGRVEALADEKALDRAQEWIKTAKETAGFDVPLNTRIIKGEE
LSNRLVGAQTPWTVAAFEEDSGSVDPETGTPTLARYAKQIGVKIYTHCAVRGIETAGGKISDVVTEKGAIRTSNVVLAGG
IWSRLFMGNMGVDLPTLNVYLSQQRVSGVPGAPRGNVHLPNGIHFREQADGTYAVAPRIFTSSIVKDSFLLGPKFMHLLG
GGELPLEFSIGEDLFNSFKMPTSWKLDEKSPFEQYRIATATQNTEHLDAVFQRMKTEFPVFEKSQIVERWGAVVSPTFDE
LPIISEVKEYPGLVINTATVWGMTEGPAAGEVTADIVTGKKPVIDPTPFSLDRFKK
;
_entity_poly.pdbx_strand_id   A,B
#
loop_
_chem_comp.id
_chem_comp.type
_chem_comp.name
_chem_comp.formula
FAD non-polymer 'FLAVIN-ADENINE DINUCLEOTIDE' 'C27 H33 N9 O15 P2'
#
# COMPACT_ATOMS: atom_id res chain seq x y z
N MET A 10 45.77 -12.10 -0.36
CA MET A 10 46.14 -10.65 -0.28
C MET A 10 44.95 -9.82 0.19
N VAL A 11 45.20 -8.91 1.13
CA VAL A 11 44.15 -8.03 1.66
C VAL A 11 43.98 -6.82 0.75
N ARG A 12 42.75 -6.36 0.61
CA ARG A 12 42.43 -5.24 -0.28
C ARG A 12 43.09 -3.94 0.17
N ARG A 13 43.30 -3.02 -0.77
CA ARG A 13 44.03 -1.78 -0.50
C ARG A 13 43.29 -0.51 -0.95
N ASP A 14 41.99 -0.63 -1.24
CA ASP A 14 41.26 0.42 -1.97
C ASP A 14 40.34 1.30 -1.12
N GLY A 15 39.81 0.78 -0.02
CA GLY A 15 38.85 1.51 0.81
C GLY A 15 39.47 2.74 1.44
N LYS A 16 38.86 3.91 1.24
CA LYS A 16 39.42 5.17 1.74
C LYS A 16 38.36 6.18 2.19
N PHE A 17 38.61 6.77 3.36
CA PHE A 17 37.79 7.84 3.93
C PHE A 17 38.14 9.15 3.22
N VAL A 18 37.16 9.79 2.60
CA VAL A 18 37.43 11.03 1.83
C VAL A 18 36.39 12.12 2.07
N GLU A 19 36.82 13.37 1.88
CA GLU A 19 35.89 14.50 1.83
C GLU A 19 35.15 14.43 0.50
N SER A 20 33.85 14.70 0.53
CA SER A 20 33.03 14.58 -0.66
C SER A 20 32.02 15.73 -0.72
N LYS A 21 31.00 15.56 -1.56
CA LYS A 21 29.89 16.51 -1.67
C LYS A 21 28.59 15.76 -1.39
N SER A 22 27.53 16.50 -1.09
CA SER A 22 26.23 15.90 -0.86
C SER A 22 25.67 15.38 -2.17
N ARG A 23 25.00 14.23 -2.10
CA ARG A 23 24.20 13.73 -3.23
C ARG A 23 22.70 13.97 -3.02
N ALA A 24 22.36 14.66 -1.93
CA ALA A 24 20.96 14.90 -1.62
C ALA A 24 20.58 16.31 -2.01
N LEU A 25 19.28 16.57 -2.08
CA LEU A 25 18.75 17.90 -2.36
C LEU A 25 19.35 18.93 -1.42
N PHE A 26 19.62 20.11 -1.96
CA PHE A 26 20.23 21.19 -1.22
C PHE A 26 19.23 21.81 -0.27
N VAL A 27 19.67 22.10 0.95
CA VAL A 27 18.85 22.82 1.92
C VAL A 27 19.59 24.08 2.32
N GLU A 28 18.96 25.23 2.04
CA GLU A 28 19.48 26.54 2.42
C GLU A 28 19.63 26.65 3.93
N SER A 29 20.74 27.24 4.37
CA SER A 29 20.92 27.59 5.77
C SER A 29 19.88 28.66 6.16
N THR A 30 19.44 28.62 7.41
CA THR A 30 18.69 29.72 7.99
C THR A 30 19.57 30.97 7.85
N GLU A 31 18.96 32.10 7.47
CA GLU A 31 19.71 33.33 7.23
C GLU A 31 20.13 34.01 8.53
N GLY A 32 21.26 34.72 8.48
CA GLY A 32 21.66 35.60 9.57
C GLY A 32 22.56 34.96 10.61
N ALA A 33 22.77 35.70 11.70
CA ALA A 33 23.66 35.29 12.77
C ALA A 33 23.07 34.13 13.58
N LEU A 34 23.95 33.35 14.21
CA LEU A 34 23.51 32.33 15.15
C LEU A 34 22.71 32.99 16.26
N PRO A 35 21.68 32.29 16.79
CA PRO A 35 21.00 32.84 17.96
C PRO A 35 21.93 32.81 19.17
N SER A 36 21.72 33.76 20.09
CA SER A 36 22.53 33.80 21.32
C SER A 36 22.12 32.68 22.27
N GLU A 37 20.84 32.29 22.24
CA GLU A 37 20.39 31.13 23.00
C GLU A 37 19.31 30.32 22.27
N SER A 38 19.10 29.09 22.73
CA SER A 38 18.07 28.21 22.21
C SER A 38 17.70 27.21 23.30
N ASP A 39 16.41 26.84 23.37
CA ASP A 39 15.96 25.85 24.34
C ASP A 39 16.72 24.53 24.16
N VAL A 40 16.87 24.11 22.91
CA VAL A 40 17.65 22.91 22.60
C VAL A 40 18.56 23.20 21.42
N VAL A 41 19.78 22.67 21.48
CA VAL A 41 20.68 22.69 20.34
C VAL A 41 20.93 21.24 19.91
N ILE A 42 20.86 21.01 18.60
CA ILE A 42 21.04 19.69 18.04
C ILE A 42 22.26 19.69 17.13
N ILE A 43 23.17 18.76 17.39
CA ILE A 43 24.39 18.60 16.60
C ILE A 43 24.12 17.54 15.54
N GLY A 44 24.01 17.98 14.29
CA GLY A 44 23.83 17.07 13.15
C GLY A 44 22.50 17.23 12.40
N GLY A 45 22.59 17.40 11.09
CA GLY A 45 21.42 17.55 10.22
C GLY A 45 21.16 16.35 9.31
N GLY A 46 21.27 15.15 9.88
CA GLY A 46 20.79 13.93 9.25
C GLY A 46 19.38 13.66 9.75
N ILE A 47 18.85 12.48 9.42
CA ILE A 47 17.46 12.17 9.76
C ILE A 47 17.20 12.16 11.28
N GLN A 48 18.19 11.74 12.06
CA GLN A 48 18.00 11.68 13.52
C GLN A 48 17.89 13.06 14.14
N GLY A 49 18.80 13.96 13.75
CA GLY A 49 18.77 15.33 14.21
C GLY A 49 17.50 16.05 13.78
N ILE A 50 17.13 15.87 12.52
CA ILE A 50 15.93 16.52 11.95
C ILE A 50 14.65 16.03 12.62
N MET A 51 14.48 14.71 12.75
CA MET A 51 13.27 14.18 13.39
C MET A 51 13.19 14.54 14.88
N THR A 52 14.33 14.59 15.55
CA THR A 52 14.35 15.02 16.95
C THR A 52 13.92 16.48 17.06
N ALA A 53 14.46 17.32 16.18
CA ALA A 53 14.12 18.74 16.14
C ALA A 53 12.63 18.97 15.91
N ILE A 54 12.06 18.23 14.96
CA ILE A 54 10.64 18.34 14.65
C ILE A 54 9.78 18.04 15.88
N ASN A 55 10.09 16.96 16.57
CA ASN A 55 9.33 16.57 17.75
C ASN A 55 9.43 17.60 18.87
N LEU A 56 10.61 18.17 19.07
CA LEU A 56 10.83 19.21 20.09
C LEU A 56 10.15 20.53 19.74
N ALA A 57 10.24 20.96 18.48
CA ALA A 57 9.60 22.19 18.04
C ALA A 57 8.08 22.11 18.10
N GLU A 58 7.53 20.94 17.80
CA GLU A 58 6.09 20.70 17.90
C GLU A 58 5.58 20.77 19.34
N ARG A 59 6.50 20.62 20.30
CA ARG A 59 6.19 20.77 21.73
C ARG A 59 6.48 22.19 22.25
N GLY A 60 6.73 23.13 21.35
CA GLY A 60 6.88 24.53 21.70
C GLY A 60 8.28 25.00 22.06
N MET A 61 9.29 24.15 21.91
CA MET A 61 10.67 24.55 22.20
C MET A 61 11.36 25.18 21.00
N SER A 62 12.22 26.15 21.26
CA SER A 62 13.08 26.72 20.23
C SER A 62 14.22 25.73 19.98
N VAL A 63 14.46 25.41 18.72
CA VAL A 63 15.47 24.41 18.35
C VAL A 63 16.39 24.95 17.26
N THR A 64 17.70 24.81 17.48
CA THR A 64 18.69 25.14 16.48
C THR A 64 19.50 23.87 16.16
N ILE A 65 19.53 23.52 14.87
CA ILE A 65 20.38 22.44 14.37
C ILE A 65 21.65 23.05 13.78
N LEU A 66 22.80 22.47 14.12
CA LEU A 66 24.07 22.84 13.51
C LEU A 66 24.58 21.67 12.68
N GLU A 67 24.97 21.96 11.44
CA GLU A 67 25.42 20.94 10.50
C GLU A 67 26.73 21.39 9.87
N LYS A 68 27.78 20.59 10.08
CA LYS A 68 29.14 20.95 9.62
C LYS A 68 29.28 21.05 8.11
N GLY A 69 28.46 20.29 7.38
CA GLY A 69 28.47 20.28 5.91
C GLY A 69 27.11 20.67 5.39
N GLU A 70 26.39 19.68 4.85
CA GLU A 70 25.06 19.90 4.27
C GLU A 70 24.06 18.94 4.91
N VAL A 71 22.79 19.32 4.86
CA VAL A 71 21.73 18.43 5.33
C VAL A 71 21.75 17.14 4.53
N ALA A 72 21.75 16.01 5.24
CA ALA A 72 21.82 14.68 4.63
C ALA A 72 23.05 14.49 3.74
N GLY A 73 24.14 15.16 4.09
CA GLY A 73 25.40 15.03 3.33
C GLY A 73 26.03 13.65 3.50
N GLU A 74 25.82 13.05 4.66
CA GLU A 74 26.44 11.77 4.99
C GLU A 74 25.23 10.83 5.12
N GLN A 75 25.31 9.77 5.93
CA GLN A 75 24.52 8.53 5.83
C GLN A 75 23.09 8.74 5.32
N SER A 76 22.42 9.76 5.87
CA SER A 76 21.00 9.96 5.60
C SER A 76 20.72 10.27 4.13
N GLY A 77 21.72 10.76 3.41
CA GLY A 77 21.59 11.03 1.97
C GLY A 77 22.06 9.89 1.07
N ARG A 78 22.61 8.85 1.68
CA ARG A 78 23.34 7.78 0.96
C ARG A 78 22.76 6.38 1.16
N ALA A 79 21.75 6.26 2.00
CA ALA A 79 21.19 4.97 2.38
C ALA A 79 20.54 4.21 1.22
N TYR A 80 20.57 2.89 1.29
CA TYR A 80 19.77 2.03 0.44
C TYR A 80 18.30 2.34 0.68
N SER A 81 17.97 2.51 1.95
CA SER A 81 16.75 3.19 2.39
C SER A 81 15.46 2.36 2.24
N GLN A 82 15.57 1.07 2.56
CA GLN A 82 14.39 0.24 2.73
C GLN A 82 13.85 0.40 4.15
N ILE A 83 12.55 0.60 4.25
CA ILE A 83 11.89 0.91 5.52
C ILE A 83 11.12 -0.32 5.96
N ILE A 84 11.74 -1.12 6.82
CA ILE A 84 11.25 -2.46 7.11
C ILE A 84 11.34 -2.84 8.58
N SER A 85 10.53 -3.83 8.97
CA SER A 85 10.57 -4.42 10.30
C SER A 85 11.05 -5.89 10.29
N TYR A 86 11.16 -6.49 9.10
CA TYR A 86 11.42 -7.93 8.98
C TYR A 86 12.70 -8.36 9.70
N GLN A 87 12.61 -9.46 10.44
CA GLN A 87 13.72 -10.07 11.20
C GLN A 87 14.38 -9.19 12.27
N THR A 88 13.69 -8.14 12.72
CA THR A 88 14.20 -7.30 13.80
C THR A 88 14.08 -7.99 15.15
N SER A 89 15.00 -7.67 16.05
CA SER A 89 14.97 -8.22 17.41
C SER A 89 13.76 -7.67 18.16
N PRO A 90 13.37 -8.34 19.27
CA PRO A 90 12.25 -7.84 20.06
C PRO A 90 12.45 -6.42 20.61
N GLU A 91 13.71 -6.03 20.84
CA GLU A 91 14.03 -4.72 21.38
C GLU A 91 13.92 -3.63 20.31
N ILE A 92 14.24 -4.01 19.07
CA ILE A 92 14.31 -3.09 17.94
C ILE A 92 12.98 -3.00 17.18
N PHE A 93 12.23 -4.10 17.16
CA PHE A 93 10.99 -4.21 16.40
C PHE A 93 10.01 -3.04 16.59
N PRO A 94 9.77 -2.62 17.86
CA PRO A 94 8.85 -1.47 18.05
C PRO A 94 9.31 -0.18 17.37
N LEU A 95 10.61 0.06 17.38
CA LEU A 95 11.21 1.22 16.73
C LEU A 95 10.92 1.21 15.22
N HIS A 96 11.00 0.02 14.61
CA HIS A 96 10.75 -0.13 13.18
C HIS A 96 9.25 -0.14 12.86
N HIS A 97 8.48 -0.86 13.66
CA HIS A 97 7.03 -0.93 13.47
C HIS A 97 6.42 0.47 13.56
N TYR A 98 6.78 1.20 14.60
CA TYR A 98 6.29 2.56 14.82
C TYR A 98 6.91 3.55 13.84
N GLY A 99 8.17 3.34 13.47
CA GLY A 99 8.79 4.16 12.43
C GLY A 99 8.00 4.13 11.14
N LYS A 100 7.55 2.94 10.75
CA LYS A 100 6.76 2.74 9.55
C LYS A 100 5.39 3.42 9.66
N ILE A 101 4.74 3.29 10.81
CA ILE A 101 3.47 3.99 11.07
C ILE A 101 3.64 5.49 10.87
N LEU A 102 4.70 6.05 11.45
CA LEU A 102 5.00 7.48 11.31
C LEU A 102 5.34 7.86 9.86
N TRP A 103 6.10 7.03 9.17
CA TRP A 103 6.44 7.32 7.78
C TRP A 103 5.17 7.38 6.91
N ARG A 104 4.24 6.47 7.16
CA ARG A 104 2.98 6.45 6.40
C ARG A 104 2.14 7.72 6.60
N GLY A 105 2.33 8.41 7.72
CA GLY A 105 1.63 9.68 7.97
C GLY A 105 2.45 10.93 7.64
N MET A 106 3.67 10.75 7.14
CA MET A 106 4.63 11.86 7.06
C MET A 106 4.26 12.90 6.00
N ASN A 107 3.92 12.45 4.80
CA ASN A 107 3.54 13.38 3.75
C ASN A 107 2.34 14.24 4.15
N GLU A 108 1.37 13.60 4.80
CA GLU A 108 0.19 14.30 5.33
C GLU A 108 0.60 15.33 6.37
N LYS A 109 1.45 14.92 7.29
CA LYS A 109 1.89 15.80 8.38
C LYS A 109 2.61 17.06 7.86
N ILE A 110 3.47 16.87 6.88
CA ILE A 110 4.39 17.88 6.35
CA ILE A 110 4.32 17.98 6.42
C ILE A 110 3.78 18.71 5.20
N GLY A 111 2.72 18.18 4.58
CA GLY A 111 2.10 18.85 3.43
C GLY A 111 3.01 18.88 2.22
N ALA A 112 3.78 17.82 2.03
CA ALA A 112 4.71 17.71 0.92
C ALA A 112 5.05 16.24 0.69
N ASP A 113 5.82 15.97 -0.36
CA ASP A 113 6.17 14.61 -0.72
C ASP A 113 7.62 14.30 -0.33
N THR A 114 7.78 13.51 0.73
CA THR A 114 9.09 13.04 1.18
C THR A 114 9.69 11.99 0.25
N SER A 115 8.85 11.47 -0.65
CA SER A 115 9.15 10.33 -1.53
C SER A 115 8.82 8.99 -0.87
N TYR A 116 8.33 9.01 0.38
CA TYR A 116 7.96 7.77 1.05
C TYR A 116 6.82 7.08 0.29
N ARG A 117 6.99 5.78 0.07
CA ARG A 117 6.00 4.95 -0.60
C ARG A 117 5.90 3.61 0.13
N THR A 118 4.69 3.14 0.38
CA THR A 118 4.46 1.77 0.82
C THR A 118 4.51 0.92 -0.44
N GLN A 119 5.46 -0.01 -0.52
CA GLN A 119 5.69 -0.78 -1.76
C GLN A 119 5.72 -2.30 -1.62
N GLY A 120 6.01 -2.80 -0.42
CA GLY A 120 6.11 -4.24 -0.19
C GLY A 120 7.48 -4.80 -0.54
N ARG A 121 7.89 -5.82 0.21
CA ARG A 121 9.23 -6.40 0.06
C ARG A 121 9.14 -7.92 0.01
N VAL A 122 9.63 -8.51 -1.08
CA VAL A 122 9.68 -9.97 -1.23
C VAL A 122 11.12 -10.47 -1.06
N GLU A 123 11.34 -11.26 -0.01
CA GLU A 123 12.62 -11.91 0.23
C GLU A 123 12.50 -13.41 -0.02
N ALA A 124 12.99 -13.87 -1.16
CA ALA A 124 13.00 -15.31 -1.45
C ALA A 124 13.85 -16.04 -0.41
N LEU A 125 13.43 -17.25 -0.05
CA LEU A 125 14.11 -18.03 0.98
C LEU A 125 14.82 -19.23 0.33
N ALA A 126 16.05 -19.48 0.76
CA ALA A 126 16.94 -20.42 0.07
C ALA A 126 16.61 -21.89 0.32
N ASP A 127 16.26 -22.21 1.56
CA ASP A 127 16.11 -23.61 1.99
C ASP A 127 15.15 -23.72 3.17
N GLU A 128 14.92 -24.94 3.65
CA GLU A 128 13.96 -25.18 4.74
C GLU A 128 14.36 -24.46 6.04
N LYS A 129 15.66 -24.40 6.32
CA LYS A 129 16.16 -23.71 7.51
C LYS A 129 15.83 -22.22 7.44
N ALA A 130 16.05 -21.62 6.26
CA ALA A 130 15.66 -20.23 6.03
C ALA A 130 14.15 -20.05 6.17
N LEU A 131 13.39 -20.98 5.60
CA LEU A 131 11.93 -20.97 5.72
C LEU A 131 11.48 -21.07 7.18
N ASP A 132 12.07 -22.01 7.92
CA ASP A 132 11.74 -22.19 9.33
C ASP A 132 12.00 -20.91 10.13
N ARG A 133 13.13 -20.26 9.84
CA ARG A 133 13.50 -19.03 10.55
C ARG A 133 12.51 -17.89 10.26
N ALA A 134 12.08 -17.79 9.00
CA ALA A 134 11.10 -16.77 8.61
C ALA A 134 9.76 -17.00 9.31
N GLN A 135 9.25 -18.24 9.26
CA GLN A 135 7.97 -18.56 9.88
C GLN A 135 7.97 -18.31 11.38
N GLU A 136 9.08 -18.65 12.04
CA GLU A 136 9.22 -18.45 13.48
C GLU A 136 9.25 -16.98 13.87
N TRP A 137 9.94 -16.15 13.08
CA TRP A 137 9.96 -14.70 13.35
C TRP A 137 8.58 -14.08 13.13
N ILE A 138 7.98 -14.40 11.99
CA ILE A 138 6.65 -13.88 11.63
C ILE A 138 5.62 -14.23 12.69
N LYS A 139 5.63 -15.47 13.15
CA LYS A 139 4.73 -15.94 14.19
C LYS A 139 4.85 -15.11 15.47
N THR A 140 6.09 -14.90 15.93
CA THR A 140 6.36 -14.17 17.17
C THR A 140 6.09 -12.67 17.04
N ALA A 141 6.44 -12.11 15.89
CA ALA A 141 6.22 -10.68 15.64
C ALA A 141 4.73 -10.35 15.59
N LYS A 142 3.94 -11.23 14.98
CA LYS A 142 2.49 -11.05 14.86
C LYS A 142 1.83 -10.87 16.22
N GLU A 143 2.23 -11.67 17.19
CA GLU A 143 1.62 -11.66 18.52
C GLU A 143 2.00 -10.43 19.36
N THR A 144 3.16 -9.84 19.07
CA THR A 144 3.68 -8.71 19.84
C THR A 144 3.55 -7.35 19.14
N ALA A 145 3.06 -7.35 17.89
CA ALA A 145 2.92 -6.12 17.10
C ALA A 145 2.11 -5.05 17.85
N GLY A 146 2.75 -3.90 18.11
CA GLY A 146 2.16 -2.86 18.97
C GLY A 146 1.45 -1.73 18.25
N PHE A 147 1.12 -0.69 19.01
CA PHE A 147 0.51 0.55 18.50
C PHE A 147 -0.79 0.34 17.74
N ASP A 148 -1.52 -0.73 18.11
CA ASP A 148 -2.81 -1.08 17.49
C ASP A 148 -2.74 -1.28 15.97
N VAL A 149 -1.54 -1.59 15.47
CA VAL A 149 -1.34 -1.86 14.05
C VAL A 149 -0.80 -3.28 13.95
N PRO A 150 -1.53 -4.17 13.24
CA PRO A 150 -1.05 -5.55 13.11
C PRO A 150 0.16 -5.66 12.18
N LEU A 151 0.96 -6.70 12.40
CA LEU A 151 2.02 -7.04 11.46
C LEU A 151 1.38 -7.39 10.11
N ASN A 152 1.97 -6.91 9.03
CA ASN A 152 1.52 -7.27 7.69
C ASN A 152 2.66 -7.96 6.92
N THR A 153 3.10 -9.09 7.48
CA THR A 153 4.17 -9.88 6.90
C THR A 153 3.75 -11.35 6.89
N ARG A 154 3.92 -12.01 5.73
CA ARG A 154 3.49 -13.41 5.56
C ARG A 154 4.40 -14.17 4.59
N ILE A 155 4.26 -15.49 4.56
CA ILE A 155 4.94 -16.33 3.58
C ILE A 155 4.08 -16.46 2.33
N ILE A 156 4.70 -16.35 1.16
CA ILE A 156 4.01 -16.56 -0.12
C ILE A 156 4.73 -17.58 -0.99
N LYS A 157 4.01 -18.12 -1.98
CA LYS A 157 4.54 -19.14 -2.89
C LYS A 157 3.75 -19.24 -4.20
N GLY A 158 4.17 -20.14 -5.08
CA GLY A 158 3.43 -20.49 -6.28
C GLY A 158 3.22 -19.34 -7.25
N GLU A 159 1.99 -19.22 -7.75
CA GLU A 159 1.62 -18.19 -8.72
C GLU A 159 1.83 -16.78 -8.18
N GLU A 160 1.45 -16.56 -6.92
CA GLU A 160 1.59 -15.24 -6.31
C GLU A 160 3.04 -14.80 -6.20
N LEU A 161 3.91 -15.71 -5.81
CA LEU A 161 5.34 -15.41 -5.70
C LEU A 161 5.93 -15.09 -7.07
N SER A 162 5.67 -15.95 -8.06
CA SER A 162 6.19 -15.75 -9.41
C SER A 162 5.66 -14.47 -10.06
N ASN A 163 4.44 -14.06 -9.70
CA ASN A 163 3.86 -12.79 -10.15
C ASN A 163 4.64 -11.60 -9.61
N ARG A 164 5.00 -11.68 -8.33
CA ARG A 164 5.82 -10.65 -7.69
C ARG A 164 7.21 -10.60 -8.29
N LEU A 165 7.81 -11.77 -8.51
CA LEU A 165 9.14 -11.87 -9.08
C LEU A 165 9.10 -12.18 -10.58
N VAL A 166 8.24 -11.45 -11.31
CA VAL A 166 8.13 -11.63 -12.76
C VAL A 166 9.49 -11.65 -13.46
N GLY A 167 9.68 -12.66 -14.31
CA GLY A 167 10.89 -12.80 -15.12
C GLY A 167 12.06 -13.49 -14.42
N ALA A 168 11.86 -13.92 -13.18
CA ALA A 168 12.93 -14.54 -12.39
C ALA A 168 13.37 -15.86 -13.00
N GLN A 169 14.64 -15.94 -13.40
CA GLN A 169 15.19 -17.14 -14.03
C GLN A 169 15.33 -18.32 -13.08
N THR A 170 15.53 -18.03 -11.79
CA THR A 170 15.58 -19.07 -10.77
C THR A 170 14.15 -19.39 -10.32
N PRO A 171 13.78 -20.68 -10.30
CA PRO A 171 12.44 -21.04 -9.84
C PRO A 171 12.33 -20.98 -8.32
N TRP A 172 12.20 -19.76 -7.79
CA TRP A 172 12.05 -19.57 -6.35
C TRP A 172 10.69 -20.15 -5.94
N THR A 173 10.67 -20.83 -4.81
CA THR A 173 9.47 -21.54 -4.38
C THR A 173 8.75 -20.89 -3.20
N VAL A 174 9.49 -20.17 -2.36
CA VAL A 174 8.92 -19.62 -1.14
C VAL A 174 9.62 -18.33 -0.74
N ALA A 175 8.89 -17.42 -0.11
CA ALA A 175 9.43 -16.10 0.26
C ALA A 175 8.70 -15.48 1.43
N ALA A 176 9.41 -14.63 2.18
CA ALA A 176 8.78 -13.79 3.19
C ALA A 176 8.35 -12.49 2.52
N PHE A 177 7.09 -12.09 2.72
CA PHE A 177 6.52 -10.90 2.06
C PHE A 177 6.07 -9.90 3.11
N GLU A 178 6.84 -8.83 3.27
CA GLU A 178 6.43 -7.73 4.14
C GLU A 178 5.61 -6.78 3.28
N GLU A 179 4.30 -6.98 3.27
CA GLU A 179 3.45 -6.30 2.30
C GLU A 179 3.43 -4.79 2.48
N ASP A 180 3.60 -4.31 3.71
CA ASP A 180 3.58 -2.87 3.98
C ASP A 180 4.98 -2.27 4.18
N SER A 181 5.99 -2.90 3.59
CA SER A 181 7.34 -2.34 3.64
C SER A 181 7.36 -1.01 2.91
N GLY A 182 8.18 -0.09 3.40
CA GLY A 182 8.29 1.23 2.81
C GLY A 182 9.60 1.50 2.10
N SER A 183 9.59 2.60 1.37
CA SER A 183 10.75 3.07 0.63
C SER A 183 10.77 4.59 0.72
N VAL A 184 11.93 5.16 0.97
CA VAL A 184 12.13 6.60 0.81
C VAL A 184 13.43 6.81 0.04
N ASP A 185 13.41 7.69 -0.95
CA ASP A 185 14.61 8.03 -1.69
C ASP A 185 15.44 8.99 -0.83
N PRO A 186 16.64 8.58 -0.41
CA PRO A 186 17.38 9.37 0.59
C PRO A 186 17.81 10.76 0.10
N GLU A 187 17.98 10.93 -1.20
CA GLU A 187 18.27 12.24 -1.78
C GLU A 187 17.14 13.24 -1.55
N THR A 188 15.92 12.73 -1.35
CA THR A 188 14.71 13.55 -1.22
C THR A 188 14.17 13.63 0.21
N GLY A 189 14.19 12.52 0.93
CA GLY A 189 13.48 12.42 2.21
C GLY A 189 13.94 13.39 3.28
N THR A 190 15.20 13.27 3.70
CA THR A 190 15.70 14.09 4.79
C THR A 190 15.68 15.59 4.44
N PRO A 191 16.08 15.96 3.21
CA PRO A 191 15.97 17.38 2.87
C PRO A 191 14.54 17.95 2.94
N THR A 192 13.54 17.17 2.52
CA THR A 192 12.14 17.59 2.60
CA THR A 192 12.16 17.64 2.60
C THR A 192 11.70 17.77 4.06
N LEU A 193 12.17 16.87 4.92
CA LEU A 193 11.87 16.97 6.34
C LEU A 193 12.54 18.21 6.94
N ALA A 194 13.74 18.54 6.45
CA ALA A 194 14.46 19.72 6.94
C ALA A 194 13.72 21.01 6.58
N ARG A 195 13.14 21.04 5.38
CA ARG A 195 12.32 22.19 4.95
C ARG A 195 11.11 22.36 5.86
N TYR A 196 10.47 21.24 6.22
CA TYR A 196 9.36 21.28 7.17
C TYR A 196 9.81 21.77 8.54
N ALA A 197 10.94 21.25 9.03
CA ALA A 197 11.50 21.70 10.29
C ALA A 197 11.65 23.22 10.29
N LYS A 198 12.21 23.77 9.22
CA LYS A 198 12.36 25.22 9.10
C LYS A 198 11.03 25.96 9.11
N GLN A 199 10.02 25.39 8.45
CA GLN A 199 8.67 25.97 8.44
C GLN A 199 8.06 26.09 9.83
N ILE A 200 8.33 25.13 10.70
CA ILE A 200 7.77 25.16 12.06
C ILE A 200 8.69 25.86 13.07
N GLY A 201 9.76 26.49 12.58
CA GLY A 201 10.58 27.37 13.41
C GLY A 201 11.94 26.84 13.83
N VAL A 202 12.29 25.62 13.42
CA VAL A 202 13.63 25.10 13.67
C VAL A 202 14.63 25.89 12.83
N LYS A 203 15.67 26.40 13.47
CA LYS A 203 16.76 27.07 12.77
C LYS A 203 17.80 26.02 12.42
N ILE A 204 18.27 26.05 11.16
CA ILE A 204 19.28 25.10 10.68
C ILE A 204 20.45 25.87 10.05
N TYR A 205 21.63 25.73 10.64
CA TYR A 205 22.84 26.38 10.13
C TYR A 205 23.79 25.34 9.57
N THR A 206 23.94 25.35 8.26
CA THR A 206 24.86 24.46 7.56
C THR A 206 26.24 25.11 7.48
N HIS A 207 27.23 24.34 7.02
CA HIS A 207 28.62 24.80 7.00
C HIS A 207 29.04 25.35 8.36
N CYS A 208 28.54 24.73 9.42
CA CYS A 208 28.75 25.21 10.79
C CYS A 208 28.99 24.05 11.73
N ALA A 209 30.27 23.81 12.01
CA ALA A 209 30.68 22.69 12.86
C ALA A 209 30.56 23.06 14.33
N VAL A 210 30.10 22.10 15.12
CA VAL A 210 30.14 22.20 16.58
C VAL A 210 31.44 21.57 17.07
N ARG A 211 32.25 22.38 17.74
CA ARG A 211 33.54 21.91 18.26
C ARG A 211 33.39 21.22 19.60
N GLY A 212 32.51 21.76 20.44
CA GLY A 212 32.26 21.13 21.73
C GLY A 212 31.20 21.80 22.57
N ILE A 213 31.01 21.25 23.76
CA ILE A 213 30.02 21.72 24.72
C ILE A 213 30.75 22.26 25.94
N GLU A 214 30.39 23.45 26.39
CA GLU A 214 30.94 24.01 27.62
C GLU A 214 29.99 23.75 28.79
N THR A 215 30.52 23.16 29.85
CA THR A 215 29.74 22.68 30.98
C THR A 215 30.48 23.00 32.28
N ALA A 216 29.72 23.23 33.35
CA ALA A 216 30.30 23.42 34.69
C ALA A 216 29.29 23.04 35.76
N GLY A 217 29.78 22.74 36.97
CA GLY A 217 28.95 22.19 38.04
C GLY A 217 28.47 20.82 37.61
N GLY A 218 27.20 20.75 37.20
CA GLY A 218 26.69 19.59 36.47
C GLY A 218 25.78 20.04 35.34
N LYS A 219 26.09 21.20 34.76
CA LYS A 219 25.15 21.89 33.90
C LYS A 219 25.78 22.47 32.64
N ILE A 220 25.21 22.11 31.49
CA ILE A 220 25.63 22.65 30.20
C ILE A 220 25.26 24.13 30.16
N SER A 221 26.19 24.95 29.70
CA SER A 221 25.98 26.39 29.57
C SER A 221 25.84 26.83 28.12
N ASP A 222 26.62 26.24 27.22
CA ASP A 222 26.56 26.59 25.80
C ASP A 222 27.26 25.56 24.90
N VAL A 223 26.94 25.59 23.61
CA VAL A 223 27.68 24.83 22.61
C VAL A 223 28.57 25.81 21.86
N VAL A 224 29.79 25.39 21.54
CA VAL A 224 30.73 26.25 20.82
C VAL A 224 30.87 25.76 19.38
N THR A 225 30.54 26.64 18.43
CA THR A 225 30.67 26.33 17.01
C THR A 225 31.85 27.12 16.44
N GLU A 226 32.16 26.86 15.16
CA GLU A 226 33.18 27.64 14.44
C GLU A 226 32.76 29.09 14.17
N LYS A 227 31.48 29.41 14.33
CA LYS A 227 30.96 30.76 14.08
C LYS A 227 30.43 31.45 15.33
N GLY A 228 30.79 30.94 16.51
CA GLY A 228 30.31 31.49 17.78
C GLY A 228 29.62 30.47 18.66
N ALA A 229 29.17 30.92 19.82
CA ALA A 229 28.56 30.04 20.82
C ALA A 229 27.06 30.32 20.96
N ILE A 230 26.31 29.29 21.30
CA ILE A 230 24.87 29.39 21.55
C ILE A 230 24.58 28.89 22.96
N ARG A 231 23.95 29.72 23.78
CA ARG A 231 23.59 29.32 25.14
CA ARG A 231 23.59 29.32 25.14
C ARG A 231 22.43 28.33 25.15
N THR A 232 22.56 27.29 25.95
CA THR A 232 21.52 26.29 26.13
C THR A 232 21.91 25.37 27.29
N SER A 233 20.93 24.69 27.88
CA SER A 233 21.21 23.63 28.85
C SER A 233 20.77 22.26 28.35
N ASN A 234 20.31 22.20 27.09
CA ASN A 234 19.89 20.94 26.48
C ASN A 234 20.54 20.76 25.12
N VAL A 235 21.23 19.64 24.95
CA VAL A 235 21.94 19.33 23.71
C VAL A 235 21.66 17.90 23.28
N VAL A 236 21.35 17.73 21.99
CA VAL A 236 21.24 16.40 21.39
C VAL A 236 22.41 16.22 20.44
N LEU A 237 23.20 15.18 20.65
CA LEU A 237 24.22 14.79 19.69
C LEU A 237 23.64 13.74 18.76
N ALA A 238 23.46 14.12 17.50
CA ALA A 238 23.06 13.20 16.45
C ALA A 238 24.08 13.35 15.31
N GLY A 239 25.35 13.12 15.64
CA GLY A 239 26.44 13.38 14.70
C GLY A 239 26.82 12.24 13.77
N GLY A 240 25.98 11.21 13.71
CA GLY A 240 26.25 10.06 12.85
C GLY A 240 27.58 9.42 13.20
N ILE A 241 28.40 9.18 12.18
CA ILE A 241 29.68 8.46 12.40
C ILE A 241 30.67 9.25 13.27
N TRP A 242 30.43 10.55 13.41
CA TRP A 242 31.30 11.46 14.16
C TRP A 242 31.00 11.53 15.66
N SER A 243 29.94 10.86 16.09
CA SER A 243 29.51 10.95 17.48
C SER A 243 30.57 10.45 18.45
N ARG A 244 31.20 9.31 18.13
CA ARG A 244 32.28 8.75 18.97
C ARG A 244 33.40 9.77 19.14
N LEU A 245 33.87 10.33 18.04
CA LEU A 245 34.96 11.32 18.11
C LEU A 245 34.58 12.50 18.98
N PHE A 246 33.37 13.01 18.78
CA PHE A 246 32.88 14.14 19.57
C PHE A 246 32.86 13.82 21.06
N MET A 247 32.30 12.66 21.42
CA MET A 247 32.20 12.27 22.83
C MET A 247 33.56 11.95 23.45
N GLY A 248 34.48 11.43 22.63
CA GLY A 248 35.86 11.18 23.07
C GLY A 248 36.55 12.43 23.60
N ASN A 249 36.29 13.57 22.95
CA ASN A 249 36.81 14.86 23.40
C ASN A 249 36.24 15.29 24.77
N MET A 250 35.10 14.71 25.15
CA MET A 250 34.48 14.96 26.46
C MET A 250 34.74 13.82 27.45
N GLY A 251 35.60 12.88 27.08
CA GLY A 251 35.97 11.79 27.97
C GLY A 251 34.92 10.69 28.12
N VAL A 252 34.04 10.55 27.12
CA VAL A 252 33.04 9.48 27.10
C VAL A 252 33.27 8.59 25.89
N ASP A 253 33.25 7.28 26.10
CA ASP A 253 33.47 6.31 25.02
C ASP A 253 32.16 5.82 24.42
N LEU A 254 32.00 6.01 23.11
CA LEU A 254 30.94 5.35 22.34
C LEU A 254 31.57 4.23 21.53
N PRO A 255 31.18 2.97 21.81
CA PRO A 255 31.81 1.84 21.12
C PRO A 255 31.23 1.60 19.72
N THR A 256 31.57 2.48 18.79
CA THR A 256 31.12 2.37 17.41
C THR A 256 32.32 2.18 16.50
N LEU A 257 32.13 1.44 15.41
CA LEU A 257 33.20 1.15 14.46
C LEU A 257 32.73 1.40 13.05
N ASN A 258 33.51 2.17 12.28
CA ASN A 258 33.13 2.51 10.92
C ASN A 258 33.17 1.30 9.99
N VAL A 259 32.18 1.23 9.10
CA VAL A 259 32.10 0.20 8.06
C VAL A 259 31.78 0.92 6.75
N TYR A 260 32.44 0.52 5.67
CA TYR A 260 32.24 1.16 4.38
C TYR A 260 31.30 0.35 3.50
N LEU A 261 30.50 1.08 2.73
CA LEU A 261 29.48 0.51 1.86
C LEU A 261 29.50 1.19 0.50
N SER A 262 28.95 0.52 -0.50
CA SER A 262 28.76 1.10 -1.84
C SER A 262 27.30 0.95 -2.25
N GLN A 263 26.81 1.92 -3.02
CA GLN A 263 25.43 1.92 -3.48
C GLN A 263 25.35 2.42 -4.91
N GLN A 264 24.24 2.10 -5.59
CA GLN A 264 24.01 2.63 -6.92
C GLN A 264 22.54 2.76 -7.27
N ARG A 265 22.27 3.55 -8.30
CA ARG A 265 20.97 3.61 -8.95
C ARG A 265 21.13 3.18 -10.40
N VAL A 266 20.20 2.34 -10.87
CA VAL A 266 20.17 1.93 -12.27
C VAL A 266 18.81 2.32 -12.86
N SER A 267 18.76 2.44 -14.18
CA SER A 267 17.54 2.88 -14.85
C SER A 267 16.46 1.81 -14.79
N GLY A 268 15.21 2.26 -14.69
CA GLY A 268 14.07 1.37 -14.73
C GLY A 268 13.81 0.88 -16.15
N VAL A 269 13.23 -0.31 -16.26
CA VAL A 269 12.89 -0.89 -17.56
C VAL A 269 11.49 -1.49 -17.50
N PRO A 270 10.84 -1.66 -18.67
CA PRO A 270 9.54 -2.33 -18.67
C PRO A 270 9.68 -3.81 -18.32
N GLY A 271 8.79 -4.32 -17.48
CA GLY A 271 8.80 -5.74 -17.11
C GLY A 271 9.59 -6.07 -15.86
N ALA A 272 10.18 -5.07 -15.21
CA ALA A 272 10.94 -5.27 -13.99
C ALA A 272 10.00 -5.57 -12.82
N PRO A 273 10.44 -6.40 -11.86
CA PRO A 273 9.67 -6.54 -10.64
C PRO A 273 9.50 -5.21 -9.91
N ARG A 274 8.32 -5.00 -9.33
CA ARG A 274 8.03 -3.76 -8.60
C ARG A 274 8.48 -3.88 -7.15
N GLY A 275 8.64 -2.72 -6.52
CA GLY A 275 8.90 -2.68 -5.09
C GLY A 275 10.31 -3.12 -4.74
N ASN A 276 10.40 -3.90 -3.67
CA ASN A 276 11.66 -4.26 -3.03
C ASN A 276 11.87 -5.77 -3.16
N VAL A 277 13.01 -6.17 -3.72
CA VAL A 277 13.34 -7.58 -3.92
C VAL A 277 14.65 -7.94 -3.22
N HIS A 278 14.62 -9.02 -2.44
CA HIS A 278 15.83 -9.57 -1.83
C HIS A 278 15.92 -11.06 -2.15
N LEU A 279 16.92 -11.45 -2.92
CA LEU A 279 17.14 -12.86 -3.25
C LEU A 279 18.44 -13.36 -2.59
N PRO A 280 18.45 -14.64 -2.16
CA PRO A 280 19.61 -15.17 -1.44
C PRO A 280 20.87 -15.39 -2.30
N ASN A 281 20.74 -15.23 -3.62
CA ASN A 281 21.90 -15.26 -4.51
C ASN A 281 22.50 -13.87 -4.78
N GLY A 282 22.53 -13.03 -3.74
CA GLY A 282 23.19 -11.72 -3.80
C GLY A 282 22.54 -10.69 -4.68
N ILE A 283 21.20 -10.65 -4.71
CA ILE A 283 20.48 -9.64 -5.48
C ILE A 283 19.53 -8.87 -4.56
N HIS A 284 19.72 -7.56 -4.50
CA HIS A 284 18.89 -6.71 -3.65
C HIS A 284 18.63 -5.40 -4.38
N PHE A 285 17.37 -5.15 -4.72
CA PHE A 285 17.00 -3.87 -5.32
C PHE A 285 15.67 -3.33 -4.82
N ARG A 286 15.53 -2.01 -4.92
CA ARG A 286 14.37 -1.27 -4.42
C ARG A 286 13.98 -0.22 -5.47
N GLU A 287 12.75 -0.31 -5.96
CA GLU A 287 12.25 0.67 -6.91
C GLU A 287 12.07 2.01 -6.19
N GLN A 288 12.59 3.07 -6.79
CA GLN A 288 12.50 4.42 -6.24
C GLN A 288 11.27 5.12 -6.76
N ALA A 289 10.91 6.23 -6.13
CA ALA A 289 9.76 7.03 -6.54
C ALA A 289 9.95 7.66 -7.92
N ASP A 290 11.21 7.88 -8.29
CA ASP A 290 11.55 8.50 -9.59
C ASP A 290 11.70 7.52 -10.75
N GLY A 291 11.41 6.24 -10.51
CA GLY A 291 11.45 5.22 -11.58
C GLY A 291 12.78 4.50 -11.74
N THR A 292 13.84 5.04 -11.13
CA THR A 292 15.12 4.31 -11.08
C THR A 292 15.05 3.23 -10.01
N TYR A 293 16.05 2.35 -10.02
CA TYR A 293 16.16 1.27 -9.04
C TYR A 293 17.44 1.43 -8.22
N ALA A 294 17.29 1.44 -6.91
CA ALA A 294 18.42 1.38 -6.00
C ALA A 294 18.88 -0.07 -5.95
N VAL A 295 20.20 -0.28 -6.05
CA VAL A 295 20.76 -1.63 -6.07
C VAL A 295 21.91 -1.69 -5.06
N ALA A 296 21.78 -2.60 -4.10
CA ALA A 296 22.74 -2.70 -3.00
C ALA A 296 23.53 -3.99 -3.10
N PRO A 297 24.87 -3.90 -3.11
CA PRO A 297 25.69 -5.11 -2.96
C PRO A 297 25.50 -5.80 -1.61
N ARG A 298 25.22 -5.00 -0.58
CA ARG A 298 25.12 -5.50 0.80
C ARG A 298 26.39 -6.28 1.20
N ILE A 299 27.54 -5.71 0.86
CA ILE A 299 28.83 -6.23 1.29
C ILE A 299 29.51 -5.15 2.14
N PHE A 300 30.09 -5.57 3.25
CA PHE A 300 30.68 -4.66 4.21
C PHE A 300 32.19 -4.67 4.08
N THR A 301 32.81 -3.49 4.10
CA THR A 301 34.26 -3.37 4.08
C THR A 301 34.73 -2.67 5.34
N SER A 302 35.62 -3.33 6.06
CA SER A 302 36.23 -2.76 7.26
CA SER A 302 36.23 -2.77 7.26
C SER A 302 37.67 -2.32 6.98
N SER A 303 37.87 -1.01 6.89
CA SER A 303 39.20 -0.46 6.68
C SER A 303 39.93 -0.44 8.01
N ILE A 304 41.07 -1.10 8.07
CA ILE A 304 41.76 -1.31 9.34
C ILE A 304 42.37 0.00 9.85
N VAL A 305 41.89 0.42 11.02
CA VAL A 305 42.29 1.69 11.63
C VAL A 305 42.60 1.48 13.10
N LYS A 306 43.10 2.55 13.73
CA LYS A 306 43.35 2.58 15.18
C LYS A 306 42.20 1.95 15.97
N ASP A 307 40.96 2.37 15.67
CA ASP A 307 39.80 1.89 16.42
C ASP A 307 39.49 0.40 16.24
N SER A 308 39.93 -0.19 15.12
CA SER A 308 39.82 -1.64 14.91
C SER A 308 40.50 -2.40 16.05
N PHE A 309 41.60 -1.85 16.55
CA PHE A 309 42.35 -2.46 17.65
C PHE A 309 41.76 -2.07 19.00
N LEU A 310 41.33 -0.81 19.15
CA LEU A 310 40.74 -0.35 20.40
C LEU A 310 39.40 -1.00 20.73
N LEU A 311 38.62 -1.35 19.71
CA LEU A 311 37.28 -1.94 19.88
C LEU A 311 37.16 -3.38 19.38
N GLY A 312 38.23 -3.93 18.80
CA GLY A 312 38.22 -5.26 18.20
C GLY A 312 37.53 -6.39 18.96
N PRO A 313 37.80 -6.51 20.28
CA PRO A 313 37.26 -7.65 21.05
C PRO A 313 35.74 -7.74 21.05
N LYS A 314 35.08 -6.59 21.16
CA LYS A 314 33.62 -6.53 21.21
C LYS A 314 32.98 -6.81 19.86
N PHE A 315 33.68 -6.44 18.79
CA PHE A 315 33.17 -6.62 17.43
C PHE A 315 33.41 -8.03 16.90
N MET A 316 34.39 -8.73 17.45
CA MET A 316 34.98 -9.91 16.81
C MET A 316 33.96 -10.99 16.42
N HIS A 317 32.88 -11.11 17.19
CA HIS A 317 31.79 -12.01 16.80
C HIS A 317 31.13 -11.58 15.47
N LEU A 318 31.51 -10.40 14.97
CA LEU A 318 31.07 -9.92 13.65
C LEU A 318 32.16 -9.21 12.79
N LEU A 319 33.23 -8.72 13.42
CA LEU A 319 34.36 -8.07 12.70
C LEU A 319 35.38 -9.13 12.29
N GLY A 320 35.27 -9.61 11.06
CA GLY A 320 36.14 -10.66 10.55
C GLY A 320 35.84 -12.04 11.14
N GLY A 321 34.82 -12.09 11.99
CA GLY A 321 34.32 -13.33 12.58
C GLY A 321 32.83 -13.42 12.34
N GLY A 322 32.26 -14.61 12.50
CA GLY A 322 30.89 -14.88 12.07
C GLY A 322 30.89 -15.04 10.55
N GLU A 323 29.73 -15.43 10.01
CA GLU A 323 29.63 -15.74 8.57
C GLU A 323 28.87 -14.65 7.80
N LEU A 324 29.20 -13.39 8.09
CA LEU A 324 28.62 -12.25 7.40
C LEU A 324 29.55 -11.80 6.27
N PRO A 325 29.00 -11.21 5.18
CA PRO A 325 29.82 -10.87 4.03
C PRO A 325 30.64 -9.60 4.30
N LEU A 326 31.77 -9.78 4.98
CA LEU A 326 32.68 -8.69 5.31
C LEU A 326 34.03 -8.89 4.63
N GLU A 327 34.68 -7.79 4.28
CA GLU A 327 36.03 -7.81 3.72
C GLU A 327 36.92 -6.82 4.46
N PHE A 328 38.18 -7.19 4.68
CA PHE A 328 39.16 -6.28 5.25
C PHE A 328 39.79 -5.43 4.15
N SER A 329 40.12 -4.19 4.49
CA SER A 329 40.88 -3.32 3.62
C SER A 329 41.94 -2.63 4.45
N ILE A 330 43.09 -2.33 3.85
CA ILE A 330 44.10 -1.52 4.51
C ILE A 330 44.70 -0.53 3.52
N GLY A 331 44.98 0.67 4.01
CA GLY A 331 45.52 1.72 3.16
C GLY A 331 45.88 2.95 3.96
N GLU A 332 45.74 4.11 3.34
CA GLU A 332 46.05 5.38 4.00
C GLU A 332 45.26 5.59 5.29
N ASP A 333 44.04 5.05 5.36
CA ASP A 333 43.18 5.16 6.55
C ASP A 333 43.92 4.78 7.83
N LEU A 334 44.69 3.70 7.80
CA LEU A 334 45.41 3.24 9.00
C LEU A 334 46.26 4.38 9.56
N PHE A 335 47.16 4.90 8.75
CA PHE A 335 48.06 5.96 9.22
C PHE A 335 47.32 7.24 9.54
N ASN A 336 46.34 7.60 8.72
CA ASN A 336 45.51 8.77 8.97
C ASN A 336 44.74 8.67 10.28
N SER A 337 44.25 7.48 10.62
CA SER A 337 43.51 7.27 11.87
C SER A 337 44.35 7.54 13.10
N PHE A 338 45.66 7.28 13.01
CA PHE A 338 46.59 7.57 14.11
C PHE A 338 46.96 9.06 14.17
N LYS A 339 46.75 9.78 13.06
CA LYS A 339 46.97 11.23 13.02
C LYS A 339 45.74 12.04 13.44
N MET A 340 44.55 11.50 13.20
CA MET A 340 43.30 12.13 13.62
C MET A 340 43.35 12.49 15.11
N PRO A 341 43.31 13.79 15.44
CA PRO A 341 43.28 14.13 16.87
C PRO A 341 41.97 13.68 17.52
N THR A 342 42.08 13.18 18.74
CA THR A 342 40.92 12.72 19.51
C THR A 342 40.56 13.71 20.62
N SER A 343 41.29 14.83 20.68
CA SER A 343 40.90 15.96 21.50
C SER A 343 41.40 17.26 20.88
N TRP A 344 40.65 18.32 21.12
CA TRP A 344 40.94 19.64 20.56
C TRP A 344 40.34 20.70 21.49
N LYS A 345 40.97 21.86 21.54
CA LYS A 345 40.42 22.99 22.28
C LYS A 345 39.27 23.59 21.46
N LEU A 346 38.35 24.26 22.14
CA LEU A 346 37.15 24.79 21.48
C LEU A 346 37.41 26.10 20.73
N ASP A 347 38.62 26.64 20.87
CA ASP A 347 39.01 27.86 20.16
C ASP A 347 39.94 27.57 18.97
N GLU A 348 40.11 26.29 18.63
CA GLU A 348 40.90 25.89 17.47
C GLU A 348 40.08 25.05 16.50
N LYS A 349 40.62 24.88 15.30
CA LYS A 349 39.97 24.12 14.23
C LYS A 349 39.79 22.66 14.64
N SER A 350 38.56 22.16 14.52
CA SER A 350 38.24 20.77 14.88
C SER A 350 38.32 19.88 13.64
N PRO A 351 38.41 18.55 13.84
CA PRO A 351 38.40 17.62 12.71
C PRO A 351 37.14 17.73 11.84
N PHE A 352 36.06 18.21 12.44
CA PHE A 352 34.77 18.39 11.76
C PHE A 352 34.82 19.44 10.65
N GLU A 353 35.74 20.40 10.78
CA GLU A 353 35.89 21.46 9.79
C GLU A 353 36.77 21.05 8.61
N GLN A 354 37.42 19.89 8.73
CA GLN A 354 38.23 19.31 7.67
C GLN A 354 37.40 18.37 6.79
N TYR A 355 36.56 17.56 7.43
CA TYR A 355 35.72 16.59 6.73
C TYR A 355 34.25 16.92 6.95
N ARG A 356 33.75 17.90 6.21
CA ARG A 356 32.39 18.39 6.39
C ARG A 356 31.33 17.45 5.81
N ILE A 357 31.65 16.81 4.69
CA ILE A 357 30.78 15.83 4.05
C ILE A 357 31.62 14.59 3.75
N ALA A 358 31.76 13.72 4.75
CA ALA A 358 32.65 12.57 4.65
C ALA A 358 31.94 11.38 4.05
N THR A 359 32.69 10.59 3.29
CA THR A 359 32.21 9.32 2.79
C THR A 359 33.40 8.38 2.58
N ALA A 360 33.11 7.19 2.07
CA ALA A 360 34.15 6.27 1.65
C ALA A 360 34.08 6.15 0.15
N THR A 361 35.23 5.88 -0.47
CA THR A 361 35.27 5.65 -1.90
C THR A 361 34.47 4.40 -2.26
N GLN A 362 33.74 4.46 -3.37
CA GLN A 362 32.91 3.35 -3.82
C GLN A 362 33.76 2.17 -4.26
N ASN A 363 33.18 0.97 -4.15
CA ASN A 363 33.81 -0.23 -4.67
C ASN A 363 33.13 -0.64 -5.97
N THR A 364 33.75 -0.27 -7.09
CA THR A 364 33.19 -0.52 -8.41
C THR A 364 33.02 -2.00 -8.71
N GLU A 365 33.97 -2.83 -8.27
CA GLU A 365 33.84 -4.28 -8.44
C GLU A 365 32.57 -4.83 -7.79
N HIS A 366 32.32 -4.44 -6.54
CA HIS A 366 31.10 -4.85 -5.84
C HIS A 366 29.85 -4.41 -6.60
N LEU A 367 29.84 -3.15 -7.04
CA LEU A 367 28.67 -2.58 -7.73
C LEU A 367 28.42 -3.23 -9.09
N ASP A 368 29.49 -3.51 -9.83
CA ASP A 368 29.37 -4.24 -11.10
C ASP A 368 28.86 -5.66 -10.87
N ALA A 369 29.37 -6.33 -9.85
CA ALA A 369 29.00 -7.72 -9.58
C ALA A 369 27.51 -7.88 -9.27
N VAL A 370 26.96 -7.06 -8.38
CA VAL A 370 25.54 -7.16 -8.04
C VAL A 370 24.66 -6.84 -9.25
N PHE A 371 25.07 -5.86 -10.06
CA PHE A 371 24.29 -5.46 -11.22
C PHE A 371 24.29 -6.57 -12.28
N GLN A 372 25.43 -7.26 -12.44
CA GLN A 372 25.50 -8.41 -13.33
C GLN A 372 24.60 -9.56 -12.86
N ARG A 373 24.68 -9.87 -11.56
CA ARG A 373 23.85 -10.92 -10.98
C ARG A 373 22.37 -10.61 -11.17
N MET A 374 22.02 -9.34 -11.00
CA MET A 374 20.67 -8.86 -11.23
C MET A 374 20.23 -9.05 -12.68
N LYS A 375 21.13 -8.76 -13.63
CA LYS A 375 20.86 -8.94 -15.06
C LYS A 375 20.64 -10.39 -15.45
N THR A 376 21.39 -11.29 -14.82
CA THR A 376 21.27 -12.73 -15.08
C THR A 376 19.94 -13.27 -14.58
N GLU A 377 19.58 -12.91 -13.35
CA GLU A 377 18.33 -13.34 -12.73
C GLU A 377 17.10 -12.70 -13.38
N PHE A 378 17.25 -11.44 -13.77
CA PHE A 378 16.17 -10.67 -14.39
C PHE A 378 16.65 -10.06 -15.71
N PRO A 379 16.56 -10.82 -16.81
CA PRO A 379 17.00 -10.42 -18.15
C PRO A 379 16.51 -9.07 -18.68
N VAL A 380 15.36 -8.57 -18.24
CA VAL A 380 14.90 -7.22 -18.65
C VAL A 380 15.93 -6.14 -18.28
N PHE A 381 16.69 -6.35 -17.22
CA PHE A 381 17.71 -5.39 -16.78
C PHE A 381 18.98 -5.38 -17.66
N GLU A 382 19.05 -6.27 -18.65
CA GLU A 382 20.10 -6.17 -19.68
C GLU A 382 20.05 -4.80 -20.38
N LYS A 383 18.86 -4.22 -20.52
CA LYS A 383 18.70 -2.91 -21.15
C LYS A 383 18.79 -1.72 -20.17
N SER A 384 18.98 -2.00 -18.89
CA SER A 384 19.14 -0.95 -17.89
C SER A 384 20.58 -0.45 -17.88
N GLN A 385 20.77 0.82 -17.52
CA GLN A 385 22.12 1.36 -17.38
C GLN A 385 22.32 2.04 -16.04
N ILE A 386 23.58 2.21 -15.68
CA ILE A 386 23.96 2.82 -14.41
C ILE A 386 23.61 4.31 -14.49
N VAL A 387 22.85 4.77 -13.50
CA VAL A 387 22.47 6.18 -13.39
C VAL A 387 23.40 6.92 -12.43
N GLU A 388 23.73 6.28 -11.31
CA GLU A 388 24.53 6.94 -10.27
C GLU A 388 25.17 5.90 -9.36
N ARG A 389 26.36 6.23 -8.85
CA ARG A 389 27.09 5.37 -7.91
C ARG A 389 27.74 6.21 -6.83
N TRP A 390 27.81 5.66 -5.62
CA TRP A 390 28.46 6.36 -4.52
C TRP A 390 28.89 5.40 -3.45
N GLY A 391 29.77 5.90 -2.58
CA GLY A 391 30.17 5.17 -1.39
C GLY A 391 29.56 5.80 -0.15
N ALA A 392 29.70 5.10 0.98
CA ALA A 392 29.11 5.54 2.24
C ALA A 392 29.77 4.87 3.43
N VAL A 393 29.63 5.49 4.60
CA VAL A 393 30.16 4.97 5.86
C VAL A 393 29.03 4.89 6.88
N VAL A 394 28.96 3.75 7.58
CA VAL A 394 28.09 3.60 8.76
C VAL A 394 28.96 3.30 9.97
N SER A 395 28.38 3.42 11.15
CA SER A 395 29.13 3.24 12.38
C SER A 395 28.28 2.57 13.47
N PRO A 396 28.00 1.26 13.30
CA PRO A 396 27.21 0.56 14.32
C PRO A 396 27.95 0.33 15.63
N THR A 397 27.17 0.00 16.66
CA THR A 397 27.70 -0.57 17.89
C THR A 397 27.95 -2.05 17.64
N PHE A 398 28.49 -2.74 18.64
CA PHE A 398 28.77 -4.17 18.52
C PHE A 398 27.57 -5.07 18.85
N ASP A 399 26.51 -4.50 19.40
CA ASP A 399 25.38 -5.30 19.91
C ASP A 399 24.05 -5.12 19.15
N GLU A 400 24.11 -4.58 17.94
CA GLU A 400 22.94 -4.42 17.06
C GLU A 400 21.79 -3.64 17.73
N LEU A 401 22.16 -2.67 18.56
CA LEU A 401 21.20 -1.77 19.18
C LEU A 401 21.73 -0.34 19.02
N PRO A 402 20.82 0.63 18.79
CA PRO A 402 21.26 2.02 18.74
C PRO A 402 21.64 2.57 20.10
N ILE A 403 22.16 3.79 20.08
CA ILE A 403 22.41 4.54 21.29
C ILE A 403 21.44 5.71 21.31
N ILE A 404 20.41 5.58 22.14
CA ILE A 404 19.43 6.65 22.35
C ILE A 404 19.37 6.80 23.86
N SER A 405 20.08 7.80 24.39
CA SER A 405 20.42 7.81 25.82
C SER A 405 20.82 9.16 26.37
N GLU A 406 20.47 9.40 27.63
CA GLU A 406 21.07 10.49 28.40
C GLU A 406 22.54 10.17 28.60
N VAL A 407 23.34 11.21 28.83
CA VAL A 407 24.73 11.04 29.23
C VAL A 407 24.86 11.49 30.69
N LYS A 408 24.88 10.50 31.59
CA LYS A 408 24.93 10.75 33.04
C LYS A 408 26.02 11.74 33.43
N GLU A 409 27.19 11.64 32.79
CA GLU A 409 28.31 12.54 33.09
C GLU A 409 28.03 14.01 32.75
N TYR A 410 27.08 14.25 31.84
CA TYR A 410 26.81 15.59 31.34
C TYR A 410 25.32 15.89 31.29
N PRO A 411 24.72 16.20 32.45
CA PRO A 411 23.28 16.45 32.50
C PRO A 411 22.84 17.48 31.47
N GLY A 412 21.79 17.15 30.73
CA GLY A 412 21.32 17.98 29.62
C GLY A 412 21.69 17.41 28.27
N LEU A 413 22.69 16.54 28.22
CA LEU A 413 23.13 15.93 26.96
C LEU A 413 22.40 14.63 26.68
N VAL A 414 21.86 14.51 25.47
CA VAL A 414 21.23 13.27 25.02
C VAL A 414 21.84 12.88 23.68
N ILE A 415 22.06 11.59 23.49
CA ILE A 415 22.67 11.06 22.27
C ILE A 415 21.64 10.24 21.50
N ASN A 416 21.59 10.46 20.20
CA ASN A 416 20.75 9.67 19.30
C ASN A 416 21.59 9.31 18.09
N THR A 417 22.19 8.12 18.10
CA THR A 417 23.17 7.76 17.07
C THR A 417 23.43 6.26 17.01
N ALA A 418 24.42 5.88 16.20
CA ALA A 418 24.95 4.52 16.16
C ALA A 418 23.92 3.48 15.71
N THR A 419 23.16 3.82 14.68
CA THR A 419 22.23 2.87 14.09
C THR A 419 22.53 2.65 12.60
N VAL A 420 22.30 1.44 12.13
CA VAL A 420 22.36 1.13 10.71
C VAL A 420 20.96 0.97 10.11
N TRP A 421 19.94 1.38 10.88
CA TRP A 421 18.55 1.33 10.43
C TRP A 421 17.85 2.68 10.71
N GLY A 422 18.62 3.75 10.62
CA GLY A 422 18.13 5.08 10.96
C GLY A 422 17.09 5.69 10.02
N MET A 423 17.05 5.25 8.76
CA MET A 423 16.01 5.73 7.85
C MET A 423 14.65 5.24 8.34
N THR A 424 14.60 3.97 8.75
CA THR A 424 13.40 3.36 9.32
C THR A 424 13.10 3.87 10.73
N GLU A 425 14.12 3.88 11.58
CA GLU A 425 13.95 4.22 13.00
C GLU A 425 13.77 5.72 13.27
N GLY A 426 14.31 6.55 12.37
CA GLY A 426 14.42 7.98 12.61
C GLY A 426 13.20 8.68 13.19
N PRO A 427 12.03 8.52 12.56
CA PRO A 427 10.83 9.16 13.10
C PRO A 427 10.50 8.71 14.54
N ALA A 428 10.66 7.42 14.82
CA ALA A 428 10.42 6.89 16.15
C ALA A 428 11.49 7.31 17.16
N ALA A 429 12.76 7.16 16.78
CA ALA A 429 13.88 7.55 17.66
C ALA A 429 13.88 9.05 17.94
N GLY A 430 13.45 9.84 16.97
CA GLY A 430 13.29 11.27 17.16
C GLY A 430 12.29 11.61 18.25
N GLU A 431 11.18 10.86 18.28
CA GLU A 431 10.17 11.07 19.33
C GLU A 431 10.69 10.61 20.68
N VAL A 432 11.32 9.43 20.71
CA VAL A 432 11.93 8.92 21.94
C VAL A 432 12.95 9.91 22.49
N THR A 433 13.83 10.41 21.62
CA THR A 433 14.84 11.38 22.02
C THR A 433 14.22 12.65 22.59
N ALA A 434 13.19 13.17 21.92
CA ALA A 434 12.45 14.34 22.40
C ALA A 434 11.86 14.11 23.80
N ASP A 435 11.34 12.91 24.03
CA ASP A 435 10.79 12.51 25.33
C ASP A 435 11.86 12.49 26.42
N ILE A 436 13.05 11.95 26.09
CA ILE A 436 14.17 11.94 27.02
C ILE A 436 14.58 13.37 27.35
N VAL A 437 14.71 14.21 26.32
CA VAL A 437 15.09 15.61 26.51
C VAL A 437 14.13 16.34 27.46
N THR A 438 12.84 16.13 27.29
CA THR A 438 11.82 16.87 28.05
C THR A 438 11.40 16.23 29.37
N GLY A 439 11.87 15.02 29.63
CA GLY A 439 11.48 14.29 30.84
C GLY A 439 10.09 13.67 30.80
N LYS A 440 9.57 13.46 29.59
CA LYS A 440 8.28 12.78 29.39
C LYS A 440 8.51 11.28 29.30
N LYS A 441 7.56 10.48 29.79
CA LYS A 441 7.62 9.03 29.64
C LYS A 441 7.73 8.70 28.14
N PRO A 442 8.84 8.09 27.72
CA PRO A 442 8.98 7.88 26.28
C PRO A 442 7.95 6.96 25.65
N VAL A 443 7.60 7.25 24.40
CA VAL A 443 6.65 6.44 23.64
C VAL A 443 7.10 4.98 23.50
N ILE A 444 8.42 4.77 23.49
CA ILE A 444 9.02 3.44 23.54
C ILE A 444 10.08 3.46 24.64
N ASP A 445 10.08 2.43 25.48
CA ASP A 445 11.05 2.33 26.58
C ASP A 445 12.47 2.33 26.00
N PRO A 446 13.27 3.36 26.34
CA PRO A 446 14.62 3.46 25.78
C PRO A 446 15.71 2.74 26.58
N THR A 447 15.31 1.97 27.59
CA THR A 447 16.27 1.26 28.43
C THR A 447 17.27 0.43 27.62
N PRO A 448 16.79 -0.37 26.64
CA PRO A 448 17.72 -1.20 25.85
C PRO A 448 18.76 -0.41 25.05
N PHE A 449 18.49 0.87 24.82
CA PHE A 449 19.35 1.72 24.00
C PHE A 449 20.25 2.62 24.85
N SER A 450 20.27 2.36 26.16
CA SER A 450 21.01 3.18 27.11
C SER A 450 22.51 2.96 27.01
N LEU A 451 23.28 4.00 27.35
CA LEU A 451 24.73 3.91 27.53
C LEU A 451 25.10 3.11 28.77
N ASP A 452 24.16 2.96 29.69
CA ASP A 452 24.35 2.14 30.90
C ASP A 452 24.73 0.70 30.56
N ARG A 453 24.30 0.21 29.40
CA ARG A 453 24.55 -1.18 29.00
C ARG A 453 26.03 -1.49 28.72
N PHE A 454 26.84 -0.46 28.50
CA PHE A 454 28.28 -0.64 28.29
C PHE A 454 29.07 -0.52 29.59
N LYS A 455 28.40 -0.16 30.67
CA LYS A 455 29.06 0.04 31.97
C LYS A 455 29.52 -1.31 32.57
N LYS A 456 30.63 -1.26 33.29
CA LYS A 456 31.18 -2.44 33.99
C LYS A 456 31.45 -3.60 33.04
N MET B 10 -33.30 12.91 -31.98
CA MET B 10 -32.33 11.87 -32.44
C MET B 10 -31.92 10.94 -31.29
N VAL B 11 -32.74 9.94 -31.02
CA VAL B 11 -32.44 8.93 -29.99
C VAL B 11 -31.63 7.80 -30.59
N ARG B 12 -30.72 7.25 -29.80
CA ARG B 12 -29.79 6.21 -30.28
C ARG B 12 -30.46 4.88 -30.60
N ARG B 13 -29.74 4.06 -31.38
CA ARG B 13 -30.18 2.73 -31.81
C ARG B 13 -29.23 1.55 -31.98
N ASP B 14 -28.35 1.35 -31.00
CA ASP B 14 -27.14 0.52 -31.11
C ASP B 14 -26.96 -0.45 -29.94
N GLY B 15 -26.96 0.07 -28.71
CA GLY B 15 -26.75 -0.75 -27.50
C GLY B 15 -27.83 -1.81 -27.32
N LYS B 16 -27.43 -3.07 -27.28
CA LYS B 16 -28.37 -4.19 -27.26
C LYS B 16 -27.97 -5.32 -26.30
N PHE B 17 -28.98 -5.90 -25.66
CA PHE B 17 -28.83 -7.06 -24.78
C PHE B 17 -28.58 -8.31 -25.61
N VAL B 18 -27.46 -8.99 -25.37
CA VAL B 18 -27.08 -10.17 -26.17
C VAL B 18 -26.52 -11.29 -25.32
N GLU B 19 -26.62 -12.51 -25.84
CA GLU B 19 -25.94 -13.65 -25.25
C GLU B 19 -24.46 -13.52 -25.64
N SER B 20 -23.58 -13.90 -24.73
CA SER B 20 -22.14 -13.70 -24.94
C SER B 20 -21.34 -14.83 -24.29
N LYS B 21 -20.07 -14.56 -23.99
CA LYS B 21 -19.20 -15.52 -23.32
C LYS B 21 -18.47 -14.83 -22.20
N SER B 22 -17.96 -15.61 -21.26
CA SER B 22 -17.19 -15.05 -20.14
C SER B 22 -15.88 -14.45 -20.64
N ARG B 23 -15.52 -13.30 -20.08
CA ARG B 23 -14.19 -12.74 -20.31
C ARG B 23 -13.25 -13.03 -19.13
N ALA B 24 -13.74 -13.78 -18.15
CA ALA B 24 -12.98 -14.08 -16.95
C ALA B 24 -12.36 -15.47 -17.07
N LEU B 25 -11.40 -15.76 -16.19
CA LEU B 25 -10.74 -17.07 -16.17
C LEU B 25 -11.78 -18.20 -16.01
N PHE B 26 -11.56 -19.27 -16.77
CA PHE B 26 -12.45 -20.43 -16.73
C PHE B 26 -12.35 -21.14 -15.37
N VAL B 27 -13.50 -21.48 -14.80
CA VAL B 27 -13.57 -22.29 -13.58
C VAL B 27 -14.36 -23.56 -13.92
N GLU B 28 -13.71 -24.71 -13.74
CA GLU B 28 -14.33 -26.00 -14.05
CA GLU B 28 -14.33 -26.00 -14.04
C GLU B 28 -15.47 -26.28 -13.07
N SER B 29 -16.56 -26.84 -13.59
CA SER B 29 -17.67 -27.27 -12.75
C SER B 29 -17.20 -28.36 -11.80
N THR B 30 -17.76 -28.38 -10.60
CA THR B 30 -17.69 -29.54 -9.74
C THR B 30 -18.14 -30.74 -10.58
N GLU B 31 -17.50 -31.88 -10.37
CA GLU B 31 -17.74 -33.05 -11.20
C GLU B 31 -18.98 -33.81 -10.73
N GLY B 32 -19.70 -34.39 -11.68
CA GLY B 32 -20.77 -35.34 -11.37
C GLY B 32 -22.16 -34.73 -11.29
N ALA B 33 -23.08 -35.49 -10.71
CA ALA B 33 -24.47 -35.08 -10.58
C ALA B 33 -24.64 -34.14 -9.42
N LEU B 34 -25.73 -33.39 -9.42
CA LEU B 34 -26.06 -32.52 -8.30
C LEU B 34 -26.22 -33.36 -7.03
N PRO B 35 -25.86 -32.78 -5.88
CA PRO B 35 -26.09 -33.51 -4.63
C PRO B 35 -27.60 -33.62 -4.35
N SER B 36 -27.99 -34.64 -3.60
CA SER B 36 -29.39 -34.81 -3.21
C SER B 36 -29.84 -33.68 -2.27
N GLU B 37 -28.91 -33.21 -1.42
CA GLU B 37 -29.21 -32.16 -0.45
C GLU B 37 -28.00 -31.26 -0.18
N SER B 38 -28.26 -30.09 0.39
CA SER B 38 -27.22 -29.17 0.85
C SER B 38 -27.76 -28.29 1.96
N ASP B 39 -26.92 -27.92 2.93
CA ASP B 39 -27.35 -27.02 4.01
C ASP B 39 -27.84 -25.70 3.44
N VAL B 40 -27.10 -25.17 2.46
CA VAL B 40 -27.49 -23.95 1.77
C VAL B 40 -27.27 -24.15 0.28
N VAL B 41 -28.20 -23.62 -0.53
CA VAL B 41 -28.03 -23.54 -1.96
C VAL B 41 -27.95 -22.07 -2.34
N ILE B 42 -26.97 -21.75 -3.18
CA ILE B 42 -26.76 -20.37 -3.63
C ILE B 42 -27.00 -20.30 -5.13
N ILE B 43 -27.84 -19.36 -5.54
CA ILE B 43 -28.15 -19.15 -6.94
C ILE B 43 -27.25 -18.02 -7.44
N GLY B 44 -26.27 -18.37 -8.26
CA GLY B 44 -25.39 -17.38 -8.88
C GLY B 44 -23.93 -17.52 -8.47
N GLY B 45 -23.05 -17.58 -9.48
CA GLY B 45 -21.62 -17.66 -9.25
C GLY B 45 -20.86 -16.39 -9.60
N GLY B 46 -21.40 -15.24 -9.20
CA GLY B 46 -20.66 -13.98 -9.20
C GLY B 46 -19.98 -13.78 -7.86
N ILE B 47 -19.41 -12.61 -7.64
CA ILE B 47 -18.68 -12.35 -6.40
CA ILE B 47 -18.69 -12.32 -6.40
C ILE B 47 -19.59 -12.46 -5.15
N GLN B 48 -20.85 -12.07 -5.27
CA GLN B 48 -21.75 -12.14 -4.12
C GLN B 48 -22.05 -13.58 -3.72
N GLY B 49 -22.39 -14.41 -4.70
CA GLY B 49 -22.64 -15.83 -4.43
C GLY B 49 -21.41 -16.53 -3.86
N ILE B 50 -20.24 -16.25 -4.43
CA ILE B 50 -18.98 -16.89 -4.04
CA ILE B 50 -19.00 -16.91 -4.02
C ILE B 50 -18.55 -16.49 -2.62
N MET B 51 -18.62 -15.19 -2.32
CA MET B 51 -18.23 -14.71 -0.99
C MET B 51 -19.21 -15.17 0.10
N THR B 52 -20.48 -15.23 -0.24
CA THR B 52 -21.47 -15.77 0.69
C THR B 52 -21.16 -17.25 0.97
N ALA B 53 -20.89 -18.01 -0.09
CA ALA B 53 -20.56 -19.44 0.03
C ALA B 53 -19.33 -19.67 0.89
N ILE B 54 -18.29 -18.86 0.69
CA ILE B 54 -17.05 -18.99 1.45
C ILE B 54 -17.32 -18.83 2.95
N ASN B 55 -18.04 -17.77 3.32
CA ASN B 55 -18.38 -17.52 4.72
C ASN B 55 -19.19 -18.65 5.35
N LEU B 56 -20.13 -19.20 4.59
CA LEU B 56 -20.97 -20.29 5.08
C LEU B 56 -20.16 -21.58 5.26
N ALA B 57 -19.34 -21.90 4.27
CA ALA B 57 -18.47 -23.08 4.33
C ALA B 57 -17.48 -23.00 5.48
N GLU B 58 -16.98 -21.80 5.77
CA GLU B 58 -16.05 -21.60 6.89
C GLU B 58 -16.75 -21.72 8.26
N ARG B 59 -18.08 -21.69 8.26
CA ARG B 59 -18.86 -21.97 9.47
C ARG B 59 -19.33 -23.42 9.55
N GLY B 60 -18.81 -24.28 8.67
CA GLY B 60 -19.07 -25.71 8.72
C GLY B 60 -20.30 -26.19 7.97
N MET B 61 -20.92 -25.31 7.19
CA MET B 61 -22.11 -25.68 6.44
C MET B 61 -21.77 -26.14 5.03
N SER B 62 -22.51 -27.13 4.52
CA SER B 62 -22.37 -27.55 3.14
C SER B 62 -23.07 -26.53 2.25
N VAL B 63 -22.42 -26.21 1.13
CA VAL B 63 -22.91 -25.18 0.21
C VAL B 63 -22.75 -25.63 -1.22
N THR B 64 -23.82 -25.51 -2.00
CA THR B 64 -23.77 -25.72 -3.43
C THR B 64 -24.17 -24.42 -4.15
N ILE B 65 -23.29 -23.97 -5.05
CA ILE B 65 -23.59 -22.85 -5.93
C ILE B 65 -24.01 -23.38 -7.29
N LEU B 66 -25.09 -22.81 -7.82
CA LEU B 66 -25.57 -23.12 -9.17
C LEU B 66 -25.39 -21.87 -10.03
N GLU B 67 -24.76 -22.06 -11.19
CA GLU B 67 -24.43 -20.98 -12.12
C GLU B 67 -24.89 -21.38 -13.51
N LYS B 68 -25.80 -20.58 -14.07
CA LYS B 68 -26.41 -20.87 -15.37
C LYS B 68 -25.44 -20.82 -16.55
N GLY B 69 -24.41 -19.98 -16.41
CA GLY B 69 -23.34 -19.86 -17.41
C GLY B 69 -22.01 -20.27 -16.80
N GLU B 70 -21.14 -19.28 -16.60
CA GLU B 70 -19.80 -19.51 -16.06
C GLU B 70 -19.59 -18.59 -14.86
N VAL B 71 -18.69 -18.97 -13.97
CA VAL B 71 -18.29 -18.14 -12.85
C VAL B 71 -17.78 -16.81 -13.38
N ALA B 72 -18.30 -15.71 -12.82
CA ALA B 72 -17.93 -14.35 -13.24
C ALA B 72 -18.20 -14.08 -14.72
N GLY B 73 -19.19 -14.74 -15.30
CA GLY B 73 -19.56 -14.53 -16.69
C GLY B 73 -20.19 -13.17 -16.95
N GLU B 74 -20.89 -12.66 -15.94
CA GLU B 74 -21.62 -11.40 -16.08
C GLU B 74 -20.92 -10.49 -15.06
N GLN B 75 -21.61 -9.50 -14.50
CA GLN B 75 -21.04 -8.27 -13.92
C GLN B 75 -19.69 -8.44 -13.26
N SER B 76 -19.53 -9.51 -12.48
CA SER B 76 -18.32 -9.69 -11.67
C SER B 76 -17.06 -9.89 -12.51
N GLY B 77 -17.22 -10.33 -13.76
CA GLY B 77 -16.10 -10.49 -14.68
C GLY B 77 -15.86 -9.27 -15.56
N ARG B 78 -16.73 -8.26 -15.46
CA ARG B 78 -16.77 -7.13 -16.41
C ARG B 78 -16.59 -5.75 -15.76
N ALA B 79 -16.45 -5.70 -14.45
CA ALA B 79 -16.42 -4.45 -13.71
C ALA B 79 -15.15 -3.62 -13.97
N TYR B 80 -15.29 -2.30 -13.88
CA TYR B 80 -14.16 -1.40 -13.80
C TYR B 80 -13.30 -1.80 -12.61
N SER B 81 -13.97 -2.07 -11.50
CA SER B 81 -13.41 -2.81 -10.39
C SER B 81 -12.46 -2.00 -9.50
N GLN B 82 -12.82 -0.75 -9.26
CA GLN B 82 -12.14 0.04 -8.23
C GLN B 82 -12.79 -0.26 -6.88
N ILE B 83 -11.94 -0.52 -5.89
CA ILE B 83 -12.39 -0.92 -4.55
C ILE B 83 -12.19 0.26 -3.61
N ILE B 84 -13.26 1.02 -3.39
CA ILE B 84 -13.18 2.33 -2.73
C ILE B 84 -14.30 2.57 -1.75
N SER B 85 -14.06 3.46 -0.80
CA SER B 85 -15.08 3.91 0.15
C SER B 85 -15.49 5.37 -0.06
N TYR B 86 -14.78 6.09 -0.92
CA TYR B 86 -14.96 7.54 -1.06
C TYR B 86 -16.39 7.97 -1.42
N GLN B 87 -16.91 8.93 -0.68
CA GLN B 87 -18.23 9.52 -0.90
C GLN B 87 -19.42 8.57 -0.70
N THR B 88 -19.21 7.48 0.03
CA THR B 88 -20.30 6.56 0.33
C THR B 88 -21.20 7.12 1.42
N SER B 89 -22.48 6.79 1.35
CA SER B 89 -23.44 7.20 2.37
C SER B 89 -23.09 6.52 3.71
N PRO B 90 -23.63 7.05 4.82
CA PRO B 90 -23.36 6.40 6.12
C PRO B 90 -23.86 4.95 6.19
N GLU B 91 -24.91 4.63 5.44
CA GLU B 91 -25.48 3.27 5.43
C GLU B 91 -24.58 2.29 4.68
N ILE B 92 -23.90 2.80 3.66
CA ILE B 92 -23.07 2.01 2.76
C ILE B 92 -21.59 2.01 3.15
N PHE B 93 -21.14 3.08 3.80
CA PHE B 93 -19.74 3.23 4.17
C PHE B 93 -19.12 2.00 4.87
N PRO B 94 -19.77 1.48 5.93
CA PRO B 94 -19.19 0.30 6.59
C PRO B 94 -18.96 -0.90 5.65
N LEU B 95 -19.91 -1.10 4.73
CA LEU B 95 -19.81 -2.18 3.73
C LEU B 95 -18.56 -2.02 2.86
N HIS B 96 -18.23 -0.79 2.49
CA HIS B 96 -17.05 -0.52 1.67
C HIS B 96 -15.76 -0.53 2.50
N HIS B 97 -15.81 0.10 3.67
CA HIS B 97 -14.68 0.17 4.59
C HIS B 97 -14.26 -1.25 5.01
N TYR B 98 -15.23 -2.05 5.41
CA TYR B 98 -14.98 -3.43 5.82
C TYR B 98 -14.63 -4.31 4.62
N GLY B 99 -15.29 -4.07 3.48
CA GLY B 99 -14.94 -4.75 2.24
C GLY B 99 -13.45 -4.63 1.91
N LYS B 100 -12.92 -3.43 2.05
CA LYS B 100 -11.50 -3.16 1.81
C LYS B 100 -10.61 -3.90 2.80
N ILE B 101 -11.01 -3.90 4.08
CA ILE B 101 -10.27 -4.63 5.12
C ILE B 101 -10.16 -6.11 4.72
N LEU B 102 -11.29 -6.71 4.32
CA LEU B 102 -11.29 -8.12 3.94
C LEU B 102 -10.49 -8.37 2.67
N TRP B 103 -10.59 -7.48 1.69
CA TRP B 103 -9.81 -7.62 0.47
C TRP B 103 -8.31 -7.61 0.77
N ARG B 104 -7.88 -6.74 1.67
CA ARG B 104 -6.45 -6.65 2.04
C ARG B 104 -5.93 -7.95 2.68
N GLY B 105 -6.80 -8.72 3.32
CA GLY B 105 -6.43 -10.01 3.88
C GLY B 105 -6.71 -11.22 2.98
N MET B 106 -7.23 -10.98 1.79
CA MET B 106 -7.78 -12.06 0.96
C MET B 106 -6.72 -13.00 0.38
N ASN B 107 -5.65 -12.43 -0.18
CA ASN B 107 -4.62 -13.26 -0.78
C ASN B 107 -3.98 -14.17 0.26
N GLU B 108 -3.75 -13.64 1.46
CA GLU B 108 -3.27 -14.43 2.59
C GLU B 108 -4.27 -15.51 2.98
N LYS B 109 -5.54 -15.15 3.04
CA LYS B 109 -6.59 -16.05 3.45
C LYS B 109 -6.65 -17.28 2.54
N ILE B 110 -6.63 -17.04 1.23
CA ILE B 110 -6.82 -18.12 0.26
C ILE B 110 -5.50 -18.73 -0.25
N GLY B 111 -4.37 -18.18 0.16
CA GLY B 111 -3.06 -18.67 -0.28
C GLY B 111 -2.87 -18.63 -1.78
N ALA B 112 -3.36 -17.57 -2.41
CA ALA B 112 -3.20 -17.38 -3.86
C ALA B 112 -3.39 -15.91 -4.18
N ASP B 113 -3.16 -15.53 -5.42
CA ASP B 113 -3.23 -14.13 -5.83
C ASP B 113 -4.54 -13.83 -6.54
N THR B 114 -5.43 -13.11 -5.87
CA THR B 114 -6.70 -12.65 -6.46
C THR B 114 -6.50 -11.55 -7.50
N SER B 115 -5.30 -10.97 -7.50
CA SER B 115 -4.95 -9.75 -8.22
C SER B 115 -5.28 -8.48 -7.41
N TYR B 116 -5.79 -8.63 -6.19
CA TYR B 116 -6.07 -7.47 -5.35
C TYR B 116 -4.79 -6.74 -4.99
N ARG B 117 -4.82 -5.42 -5.16
CA ARG B 117 -3.70 -4.55 -4.82
C ARG B 117 -4.24 -3.29 -4.14
N THR B 118 -3.54 -2.84 -3.11
CA THR B 118 -3.76 -1.52 -2.53
C THR B 118 -2.88 -0.56 -3.34
N GLN B 119 -3.51 0.41 -4.00
CA GLN B 119 -2.79 1.27 -4.94
C GLN B 119 -2.99 2.79 -4.73
N GLY B 120 -4.09 3.19 -4.11
CA GLY B 120 -4.38 4.61 -3.92
C GLY B 120 -5.15 5.20 -5.11
N ARG B 121 -6.01 6.17 -4.81
CA ARG B 121 -6.87 6.79 -5.81
C ARG B 121 -6.88 8.31 -5.67
N VAL B 122 -6.55 8.99 -6.75
CA VAL B 122 -6.55 10.46 -6.75
C VAL B 122 -7.73 10.95 -7.59
N GLU B 123 -8.67 11.63 -6.93
CA GLU B 123 -9.78 12.27 -7.62
C GLU B 123 -9.60 13.79 -7.56
N ALA B 124 -9.20 14.37 -8.69
CA ALA B 124 -9.04 15.82 -8.78
C ALA B 124 -10.41 16.47 -8.66
N LEU B 125 -10.46 17.59 -7.94
CA LEU B 125 -11.73 18.26 -7.66
C LEU B 125 -11.85 19.54 -8.50
N ALA B 126 -13.02 19.73 -9.11
CA ALA B 126 -13.21 20.76 -10.14
C ALA B 126 -13.27 22.19 -9.60
N ASP B 127 -13.85 22.36 -8.41
CA ASP B 127 -14.08 23.69 -7.84
C ASP B 127 -14.20 23.64 -6.31
N GLU B 128 -14.48 24.80 -5.68
CA GLU B 128 -14.56 24.90 -4.21
C GLU B 128 -15.75 24.11 -3.67
N LYS B 129 -16.83 24.05 -4.44
CA LYS B 129 -18.02 23.31 -4.01
C LYS B 129 -17.72 21.82 -3.92
N ALA B 130 -17.00 21.30 -4.91
CA ALA B 130 -16.51 19.92 -4.88
C ALA B 130 -15.54 19.71 -3.72
N LEU B 131 -14.65 20.68 -3.50
CA LEU B 131 -13.69 20.61 -2.39
C LEU B 131 -14.39 20.59 -1.03
N ASP B 132 -15.36 21.48 -0.85
CA ASP B 132 -16.13 21.54 0.40
C ASP B 132 -16.88 20.24 0.67
N ARG B 133 -17.52 19.69 -0.37
CA ARG B 133 -18.19 18.40 -0.27
C ARG B 133 -17.21 17.29 0.17
N ALA B 134 -16.05 17.27 -0.47
CA ALA B 134 -15.02 16.28 -0.14
C ALA B 134 -14.55 16.42 1.31
N GLN B 135 -14.31 17.66 1.73
CA GLN B 135 -13.85 17.91 3.10
C GLN B 135 -14.89 17.47 4.13
N GLU B 136 -16.15 17.86 3.90
CA GLU B 136 -17.23 17.50 4.80
C GLU B 136 -17.41 15.98 4.89
N TRP B 137 -17.32 15.30 3.74
CA TRP B 137 -17.43 13.84 3.75
C TRP B 137 -16.28 13.20 4.51
N ILE B 138 -15.05 13.62 4.22
CA ILE B 138 -13.86 13.10 4.90
C ILE B 138 -13.95 13.27 6.41
N LYS B 139 -14.35 14.46 6.85
CA LYS B 139 -14.49 14.74 8.29
C LYS B 139 -15.41 13.73 8.97
N THR B 140 -16.62 13.58 8.43
CA THR B 140 -17.63 12.69 9.02
C THR B 140 -17.22 11.21 8.95
N ALA B 141 -16.59 10.82 7.84
CA ALA B 141 -16.12 9.45 7.67
C ALA B 141 -14.97 9.09 8.62
N LYS B 142 -14.08 10.05 8.89
CA LYS B 142 -13.01 9.86 9.87
C LYS B 142 -13.59 9.56 11.25
N GLU B 143 -14.62 10.32 11.62
CA GLU B 143 -15.29 10.15 12.93
C GLU B 143 -15.93 8.78 13.09
N THR B 144 -16.54 8.28 12.02
CA THR B 144 -17.35 7.07 12.07
C THR B 144 -16.66 5.80 11.57
N ALA B 145 -15.45 5.92 11.05
CA ALA B 145 -14.70 4.77 10.51
C ALA B 145 -14.71 3.62 11.52
N GLY B 146 -15.16 2.45 11.07
CA GLY B 146 -15.35 1.31 11.97
C GLY B 146 -14.22 0.31 11.98
N PHE B 147 -14.45 -0.77 12.74
CA PHE B 147 -13.57 -1.95 12.74
C PHE B 147 -12.14 -1.66 13.18
N ASP B 148 -11.97 -0.63 14.01
CA ASP B 148 -10.66 -0.21 14.51
C ASP B 148 -9.63 0.05 13.40
N VAL B 149 -10.12 0.50 12.25
CA VAL B 149 -9.27 0.87 11.13
C VAL B 149 -9.66 2.29 10.75
N PRO B 150 -8.72 3.23 10.88
CA PRO B 150 -9.08 4.61 10.54
C PRO B 150 -9.28 4.80 9.04
N LEU B 151 -10.07 5.80 8.68
CA LEU B 151 -10.18 6.24 7.31
C LEU B 151 -8.80 6.71 6.85
N ASN B 152 -8.40 6.32 5.65
CA ASN B 152 -7.13 6.71 5.08
C ASN B 152 -7.37 7.50 3.79
N THR B 153 -8.12 8.58 3.94
CA THR B 153 -8.49 9.47 2.85
C THR B 153 -8.30 10.92 3.27
N ARG B 154 -7.71 11.69 2.39
CA ARG B 154 -7.41 13.08 2.69
C ARG B 154 -7.27 13.92 1.42
N ILE B 155 -7.29 15.25 1.60
CA ILE B 155 -7.08 16.19 0.52
C ILE B 155 -5.58 16.37 0.29
N ILE B 156 -5.16 16.37 -0.97
CA ILE B 156 -3.78 16.69 -1.31
C ILE B 156 -3.71 17.84 -2.33
N LYS B 157 -2.59 18.55 -2.29
CA LYS B 157 -2.31 19.65 -3.21
C LYS B 157 -0.85 19.63 -3.61
N GLY B 158 -0.46 20.63 -4.41
CA GLY B 158 0.94 20.95 -4.64
C GLY B 158 1.77 19.81 -5.21
N GLU B 159 2.95 19.59 -4.63
CA GLU B 159 3.91 18.65 -5.21
C GLU B 159 3.47 17.19 -5.08
N GLU B 160 2.81 16.81 -3.98
CA GLU B 160 2.36 15.42 -3.86
CA GLU B 160 2.29 15.44 -3.80
C GLU B 160 1.31 15.13 -4.93
N LEU B 161 0.42 16.06 -5.19
CA LEU B 161 -0.60 15.89 -6.21
C LEU B 161 0.02 15.77 -7.60
N SER B 162 0.92 16.70 -7.93
CA SER B 162 1.58 16.68 -9.23
C SER B 162 2.40 15.42 -9.43
N ASN B 163 3.02 14.92 -8.38
CA ASN B 163 3.80 13.69 -8.44
C ASN B 163 2.93 12.46 -8.73
N ARG B 164 1.73 12.42 -8.14
CA ARG B 164 0.80 11.32 -8.38
CA ARG B 164 0.78 11.33 -8.38
C ARG B 164 0.21 11.43 -9.79
N LEU B 165 -0.08 12.66 -10.23
CA LEU B 165 -0.63 12.90 -11.57
C LEU B 165 0.47 13.30 -12.56
N VAL B 166 1.58 12.57 -12.52
CA VAL B 166 2.75 12.88 -13.34
C VAL B 166 2.38 13.00 -14.84
N GLY B 167 2.85 14.08 -15.46
CA GLY B 167 2.65 14.31 -16.89
C GLY B 167 1.33 14.97 -17.26
N ALA B 168 0.48 15.26 -16.27
CA ALA B 168 -0.85 15.83 -16.53
C ALA B 168 -0.73 17.20 -17.20
N GLN B 169 -1.47 17.39 -18.29
CA GLN B 169 -1.43 18.66 -19.02
C GLN B 169 -2.32 19.74 -18.41
N THR B 170 -3.28 19.34 -17.59
CA THR B 170 -4.13 20.29 -16.88
C THR B 170 -3.55 20.52 -15.48
N PRO B 171 -3.39 21.80 -15.08
CA PRO B 171 -2.84 22.10 -13.76
C PRO B 171 -3.85 21.90 -12.63
N TRP B 172 -4.11 20.64 -12.29
CA TRP B 172 -4.99 20.33 -11.16
C TRP B 172 -4.35 20.86 -9.89
N THR B 173 -5.18 21.37 -8.99
CA THR B 173 -4.69 22.07 -7.80
C THR B 173 -5.06 21.34 -6.51
N VAL B 174 -6.17 20.60 -6.50
CA VAL B 174 -6.61 19.89 -5.30
C VAL B 174 -7.29 18.56 -5.65
N ALA B 175 -7.13 17.57 -4.78
CA ALA B 175 -7.70 16.25 -5.01
C ALA B 175 -8.00 15.51 -3.71
N ALA B 176 -9.00 14.63 -3.77
CA ALA B 176 -9.27 13.68 -2.71
C ALA B 176 -8.44 12.44 -2.98
N PHE B 177 -7.58 12.09 -2.02
CA PHE B 177 -6.65 10.98 -2.14
C PHE B 177 -7.10 9.87 -1.19
N GLU B 178 -7.69 8.82 -1.74
CA GLU B 178 -8.00 7.62 -0.96
C GLU B 178 -6.76 6.73 -1.05
N GLU B 179 -5.92 6.88 -0.02
CA GLU B 179 -4.59 6.31 -0.03
C GLU B 179 -4.59 4.79 -0.05
N ASP B 180 -5.58 4.18 0.59
CA ASP B 180 -5.67 2.73 0.65
C ASP B 180 -6.75 2.17 -0.29
N SER B 181 -7.05 2.88 -1.37
CA SER B 181 -8.00 2.37 -2.35
C SER B 181 -7.45 1.09 -2.97
N GLY B 182 -8.35 0.18 -3.31
CA GLY B 182 -7.97 -1.09 -3.90
C GLY B 182 -8.31 -1.25 -5.35
N SER B 183 -7.71 -2.27 -5.94
CA SER B 183 -7.95 -2.70 -7.32
C SER B 183 -7.99 -4.21 -7.36
N VAL B 184 -8.95 -4.77 -8.07
CA VAL B 184 -8.90 -6.19 -8.44
C VAL B 184 -9.23 -6.30 -9.92
N ASP B 185 -8.48 -7.14 -10.63
CA ASP B 185 -8.74 -7.37 -12.03
C ASP B 185 -9.87 -8.40 -12.08
N PRO B 186 -11.05 -7.99 -12.59
CA PRO B 186 -12.23 -8.85 -12.46
C PRO B 186 -12.14 -10.17 -13.24
N GLU B 187 -11.30 -10.21 -14.28
CA GLU B 187 -11.04 -11.46 -14.99
C GLU B 187 -10.35 -12.49 -14.09
N THR B 188 -9.67 -12.02 -13.06
CA THR B 188 -8.86 -12.87 -12.18
C THR B 188 -9.52 -13.13 -10.82
N GLY B 189 -10.14 -12.08 -10.25
CA GLY B 189 -10.55 -12.09 -8.85
C GLY B 189 -11.60 -13.13 -8.46
N THR B 190 -12.78 -13.04 -9.04
CA THR B 190 -13.87 -13.95 -8.70
C THR B 190 -13.53 -15.41 -9.03
N PRO B 191 -12.95 -15.67 -10.22
CA PRO B 191 -12.55 -17.05 -10.50
C PRO B 191 -11.55 -17.61 -9.48
N THR B 192 -10.60 -16.80 -9.04
CA THR B 192 -9.63 -17.24 -8.03
C THR B 192 -10.32 -17.54 -6.70
N LEU B 193 -11.32 -16.74 -6.36
CA LEU B 193 -12.12 -16.98 -5.16
C LEU B 193 -12.99 -18.24 -5.27
N ALA B 194 -13.50 -18.50 -6.47
CA ALA B 194 -14.27 -19.71 -6.74
C ALA B 194 -13.40 -20.96 -6.58
N ARG B 195 -12.14 -20.87 -7.00
CA ARG B 195 -11.19 -21.96 -6.81
C ARG B 195 -11.03 -22.28 -5.33
N TYR B 196 -10.86 -21.25 -4.52
CA TYR B 196 -10.72 -21.41 -3.07
C TYR B 196 -11.97 -21.99 -2.44
N ALA B 197 -13.13 -21.50 -2.88
CA ALA B 197 -14.41 -22.03 -2.39
C ALA B 197 -14.48 -23.54 -2.59
N LYS B 198 -14.15 -24.00 -3.80
CA LYS B 198 -14.11 -25.44 -4.09
C LYS B 198 -13.09 -26.18 -3.24
N GLN B 199 -11.93 -25.57 -3.00
CA GLN B 199 -10.90 -26.19 -2.17
C GLN B 199 -11.37 -26.46 -0.73
N ILE B 200 -12.25 -25.59 -0.21
CA ILE B 200 -12.78 -25.77 1.14
C ILE B 200 -14.15 -26.47 1.20
N GLY B 201 -14.59 -27.03 0.08
CA GLY B 201 -15.77 -27.90 0.06
C GLY B 201 -17.03 -27.39 -0.62
N VAL B 202 -17.01 -26.14 -1.08
CA VAL B 202 -18.15 -25.59 -1.81
C VAL B 202 -18.25 -26.29 -3.16
N LYS B 203 -19.45 -26.73 -3.52
CA LYS B 203 -19.69 -27.34 -4.81
C LYS B 203 -20.24 -26.28 -5.77
N ILE B 204 -19.67 -26.21 -6.96
CA ILE B 204 -20.07 -25.19 -7.95
C ILE B 204 -20.38 -25.86 -9.27
N TYR B 205 -21.65 -25.80 -9.67
CA TYR B 205 -22.10 -26.41 -10.91
C TYR B 205 -22.44 -25.33 -11.93
N THR B 206 -21.61 -25.23 -12.97
CA THR B 206 -21.80 -24.25 -14.04
C THR B 206 -22.68 -24.87 -15.12
N HIS B 207 -23.14 -24.04 -16.05
CA HIS B 207 -24.10 -24.46 -17.07
C HIS B 207 -25.31 -25.15 -16.43
N CYS B 208 -25.73 -24.61 -15.29
CA CYS B 208 -26.82 -25.19 -14.50
C CYS B 208 -27.71 -24.10 -13.92
N ALA B 209 -28.79 -23.82 -14.64
CA ALA B 209 -29.74 -22.77 -14.29
C ALA B 209 -30.72 -23.23 -13.22
N VAL B 210 -30.98 -22.35 -12.26
CA VAL B 210 -32.03 -22.59 -11.27
C VAL B 210 -33.33 -22.00 -11.79
N ARG B 211 -34.35 -22.85 -11.94
CA ARG B 211 -35.64 -22.44 -12.47
C ARG B 211 -36.52 -21.83 -11.40
N GLY B 212 -36.47 -22.42 -10.20
CA GLY B 212 -37.27 -21.90 -9.10
C GLY B 212 -37.06 -22.65 -7.80
N ILE B 213 -37.87 -22.28 -6.81
CA ILE B 213 -37.81 -22.82 -5.46
C ILE B 213 -39.17 -23.42 -5.13
N GLU B 214 -39.15 -24.54 -4.41
CA GLU B 214 -40.39 -25.19 -3.95
C GLU B 214 -40.46 -25.13 -2.44
N THR B 215 -41.68 -25.02 -1.92
CA THR B 215 -41.90 -24.93 -0.49
C THR B 215 -42.84 -26.02 -0.01
N ALA B 216 -42.77 -26.31 1.27
CA ALA B 216 -43.70 -27.20 1.96
C ALA B 216 -43.90 -26.66 3.37
N GLY B 217 -45.16 -26.54 3.79
CA GLY B 217 -45.48 -25.96 5.09
C GLY B 217 -45.06 -24.50 5.20
N GLY B 218 -44.99 -23.81 4.07
CA GLY B 218 -44.54 -22.42 4.02
C GLY B 218 -43.03 -22.25 4.15
N LYS B 219 -42.29 -23.35 4.22
CA LYS B 219 -40.82 -23.33 4.32
C LYS B 219 -40.23 -23.87 3.04
N ILE B 220 -39.03 -23.42 2.69
CA ILE B 220 -38.35 -23.93 1.51
C ILE B 220 -38.05 -25.43 1.69
N SER B 221 -38.32 -26.20 0.65
CA SER B 221 -38.07 -27.64 0.67
C SER B 221 -36.97 -28.03 -0.30
N ASP B 222 -36.89 -27.35 -1.44
CA ASP B 222 -35.86 -27.65 -2.42
C ASP B 222 -35.73 -26.57 -3.49
N VAL B 223 -34.65 -26.67 -4.25
CA VAL B 223 -34.38 -25.82 -5.38
C VAL B 223 -34.46 -26.69 -6.62
N VAL B 224 -35.17 -26.23 -7.65
CA VAL B 224 -35.29 -26.96 -8.91
C VAL B 224 -34.38 -26.34 -9.97
N THR B 225 -33.48 -27.16 -10.49
CA THR B 225 -32.59 -26.75 -11.58
C THR B 225 -32.95 -27.48 -12.86
N GLU B 226 -32.30 -27.10 -13.96
CA GLU B 226 -32.46 -27.78 -15.25
C GLU B 226 -31.90 -29.21 -15.25
N LYS B 227 -31.11 -29.55 -14.23
CA LYS B 227 -30.51 -30.89 -14.11
C LYS B 227 -30.89 -31.59 -12.81
N GLY B 228 -32.07 -31.28 -12.27
CA GLY B 228 -32.58 -31.93 -11.07
C GLY B 228 -32.78 -31.00 -9.88
N ALA B 229 -33.25 -31.56 -8.78
CA ALA B 229 -33.59 -30.78 -7.59
C ALA B 229 -32.66 -31.09 -6.42
N ILE B 230 -32.40 -30.09 -5.60
CA ILE B 230 -31.57 -30.23 -4.41
C ILE B 230 -32.40 -29.85 -3.18
N ARG B 231 -32.44 -30.76 -2.21
CA ARG B 231 -33.16 -30.51 -0.97
C ARG B 231 -32.39 -29.58 -0.07
N THR B 232 -33.07 -28.55 0.42
CA THR B 232 -32.50 -27.60 1.35
C THR B 232 -33.62 -26.75 1.93
N SER B 233 -33.36 -26.10 3.05
CA SER B 233 -34.30 -25.12 3.61
C SER B 233 -33.70 -23.72 3.66
N ASN B 234 -32.52 -23.54 3.07
CA ASN B 234 -31.86 -22.25 3.03
C ASN B 234 -31.33 -21.96 1.62
N VAL B 235 -31.79 -20.85 1.05
CA VAL B 235 -31.41 -20.48 -0.32
C VAL B 235 -30.98 -19.02 -0.33
N VAL B 236 -29.87 -18.74 -1.01
CA VAL B 236 -29.45 -17.39 -1.27
C VAL B 236 -29.60 -17.10 -2.76
N LEU B 237 -30.37 -16.08 -3.09
CA LEU B 237 -30.44 -15.59 -4.47
C LEU B 237 -29.39 -14.50 -4.65
N ALA B 238 -28.41 -14.78 -5.51
CA ALA B 238 -27.36 -13.84 -5.83
C ALA B 238 -27.21 -13.84 -7.35
N GLY B 239 -28.34 -13.63 -8.03
CA GLY B 239 -28.45 -13.79 -9.48
C GLY B 239 -28.13 -12.55 -10.28
N GLY B 240 -27.58 -11.53 -9.64
CA GLY B 240 -27.19 -10.31 -10.36
C GLY B 240 -28.38 -9.67 -11.05
N ILE B 241 -28.24 -9.32 -12.33
CA ILE B 241 -29.31 -8.62 -13.05
C ILE B 241 -30.57 -9.47 -13.24
N TRP B 242 -30.46 -10.78 -13.02
CA TRP B 242 -31.57 -11.72 -13.18
C TRP B 242 -32.43 -11.90 -11.94
N SER B 243 -32.05 -11.26 -10.84
CA SER B 243 -32.72 -11.48 -9.55
C SER B 243 -34.18 -11.02 -9.61
N ARG B 244 -34.44 -9.87 -10.23
CA ARG B 244 -35.81 -9.36 -10.39
C ARG B 244 -36.70 -10.38 -11.11
N LEU B 245 -36.22 -10.88 -12.26
CA LEU B 245 -36.98 -11.86 -13.04
C LEU B 245 -37.28 -13.11 -12.22
N PHE B 246 -36.26 -13.62 -11.52
CA PHE B 246 -36.42 -14.81 -10.69
C PHE B 246 -37.51 -14.62 -9.64
N MET B 247 -37.48 -13.48 -8.94
CA MET B 247 -38.42 -13.21 -7.85
C MET B 247 -39.83 -12.92 -8.37
N GLY B 248 -39.92 -12.33 -9.56
CA GLY B 248 -41.22 -12.09 -10.20
C GLY B 248 -41.99 -13.37 -10.45
N ASN B 249 -41.26 -14.44 -10.79
CA ASN B 249 -41.85 -15.77 -10.94
C ASN B 249 -42.37 -16.33 -9.61
N MET B 250 -41.91 -15.76 -8.50
CA MET B 250 -42.40 -16.12 -7.16
C MET B 250 -43.36 -15.06 -6.60
N GLY B 251 -43.72 -14.06 -7.41
CA GLY B 251 -44.68 -13.04 -7.01
C GLY B 251 -44.14 -11.99 -6.06
N VAL B 252 -42.83 -11.74 -6.12
CA VAL B 252 -42.18 -10.70 -5.32
C VAL B 252 -41.48 -9.72 -6.26
N ASP B 253 -41.68 -8.43 -6.01
CA ASP B 253 -41.11 -7.38 -6.86
C ASP B 253 -39.77 -6.88 -6.34
N LEU B 254 -38.74 -6.93 -7.20
CA LEU B 254 -37.47 -6.28 -6.91
C LEU B 254 -37.34 -5.09 -7.85
N PRO B 255 -37.34 -3.86 -7.31
CA PRO B 255 -37.34 -2.66 -8.15
C PRO B 255 -35.95 -2.30 -8.66
N THR B 256 -35.46 -3.12 -9.59
CA THR B 256 -34.16 -2.90 -10.22
C THR B 256 -34.36 -2.58 -11.69
N LEU B 257 -33.48 -1.74 -12.24
CA LEU B 257 -33.56 -1.36 -13.64
C LEU B 257 -32.18 -1.51 -14.28
N ASN B 258 -32.14 -2.19 -15.42
CA ASN B 258 -30.88 -2.40 -16.13
C ASN B 258 -30.31 -1.11 -16.71
N VAL B 259 -28.99 -1.00 -16.66
CA VAL B 259 -28.24 0.10 -17.26
C VAL B 259 -27.04 -0.51 -17.99
N TYR B 260 -26.74 0.00 -19.19
CA TYR B 260 -25.63 -0.53 -19.99
C TYR B 260 -24.38 0.33 -19.87
N LEU B 261 -23.23 -0.33 -19.90
CA LEU B 261 -21.92 0.30 -19.75
C LEU B 261 -20.93 -0.31 -20.72
N SER B 262 -19.87 0.44 -21.00
CA SER B 262 -18.74 -0.05 -21.80
C SER B 262 -17.45 0.06 -20.99
N GLN B 263 -16.53 -0.86 -21.23
CA GLN B 263 -15.23 -0.86 -20.56
C GLN B 263 -14.14 -1.24 -21.54
N GLN B 264 -12.89 -0.92 -21.19
CA GLN B 264 -11.75 -1.34 -21.99
C GLN B 264 -10.49 -1.45 -21.16
N ARG B 265 -9.51 -2.13 -21.73
CA ARG B 265 -8.15 -2.14 -21.23
C ARG B 265 -7.25 -1.59 -22.32
N VAL B 266 -6.25 -0.80 -21.92
CA VAL B 266 -5.23 -0.29 -22.82
C VAL B 266 -3.86 -0.69 -22.28
N SER B 267 -2.85 -0.69 -23.15
CA SER B 267 -1.52 -1.12 -22.74
C SER B 267 -0.84 -0.07 -21.86
N GLY B 268 -0.05 -0.55 -20.90
CA GLY B 268 0.72 0.32 -20.02
C GLY B 268 1.89 0.91 -20.79
N VAL B 269 2.34 2.08 -20.37
CA VAL B 269 3.49 2.75 -20.99
C VAL B 269 4.38 3.35 -19.91
N PRO B 270 5.68 3.53 -20.21
CA PRO B 270 6.55 4.15 -19.20
C PRO B 270 6.10 5.57 -18.85
N GLY B 271 6.23 5.93 -17.58
CA GLY B 271 5.90 7.28 -17.13
C GLY B 271 4.42 7.58 -16.95
N ALA B 272 3.57 6.56 -17.04
CA ALA B 272 2.14 6.74 -16.79
C ALA B 272 1.91 6.88 -15.29
N PRO B 273 0.86 7.63 -14.89
CA PRO B 273 0.54 7.68 -13.47
C PRO B 273 0.19 6.30 -12.93
N ARG B 274 0.66 6.01 -11.73
CA ARG B 274 0.40 4.74 -11.07
C ARG B 274 -0.96 4.77 -10.38
N GLY B 275 -1.54 3.60 -10.17
CA GLY B 275 -2.76 3.47 -9.40
C GLY B 275 -4.02 3.91 -10.14
N ASN B 276 -4.88 4.64 -9.42
CA ASN B 276 -6.23 4.94 -9.84
C ASN B 276 -6.41 6.46 -9.95
N VAL B 277 -6.79 6.92 -11.13
CA VAL B 277 -6.98 8.35 -11.39
C VAL B 277 -8.41 8.65 -11.85
N HIS B 278 -9.00 9.66 -11.22
CA HIS B 278 -10.31 10.19 -11.61
C HIS B 278 -10.21 11.70 -11.78
N LEU B 279 -10.36 12.17 -13.01
CA LEU B 279 -10.34 13.61 -13.29
C LEU B 279 -11.73 14.06 -13.76
N PRO B 280 -12.14 15.28 -13.36
CA PRO B 280 -13.48 15.77 -13.73
C PRO B 280 -13.66 16.14 -15.21
N ASN B 281 -12.60 16.05 -16.02
CA ASN B 281 -12.75 16.20 -17.47
C ASN B 281 -12.95 14.85 -18.19
N GLY B 282 -13.64 13.93 -17.50
CA GLY B 282 -14.06 12.67 -18.09
C GLY B 282 -12.95 11.66 -18.33
N ILE B 283 -12.02 11.58 -17.38
CA ILE B 283 -10.90 10.64 -17.48
C ILE B 283 -10.83 9.79 -16.22
N HIS B 284 -10.99 8.49 -16.40
CA HIS B 284 -10.99 7.53 -15.28
C HIS B 284 -10.20 6.30 -15.70
N PHE B 285 -9.10 6.04 -15.00
CA PHE B 285 -8.34 4.82 -15.26
C PHE B 285 -7.74 4.22 -13.99
N ARG B 286 -7.49 2.91 -14.09
CA ARG B 286 -7.05 2.09 -12.98
C ARG B 286 -5.97 1.12 -13.48
N GLU B 287 -4.77 1.26 -12.91
CA GLU B 287 -3.68 0.34 -13.21
C GLU B 287 -4.03 -1.07 -12.73
N GLN B 288 -3.91 -2.04 -13.63
CA GLN B 288 -4.16 -3.45 -13.29
C GLN B 288 -2.89 -4.13 -12.78
N ALA B 289 -3.08 -5.30 -12.17
CA ALA B 289 -1.95 -6.10 -11.68
C ALA B 289 -1.12 -6.68 -12.84
N ASP B 290 -1.67 -6.72 -14.05
CA ASP B 290 -0.95 -7.24 -15.21
C ASP B 290 -0.29 -6.15 -16.05
N GLY B 291 -0.25 -4.92 -15.54
CA GLY B 291 0.42 -3.81 -16.23
C GLY B 291 -0.44 -3.03 -17.20
N THR B 292 -1.55 -3.60 -17.65
CA THR B 292 -2.50 -2.86 -18.49
C THR B 292 -3.27 -1.89 -17.61
N TYR B 293 -4.01 -1.00 -18.26
CA TYR B 293 -4.83 0.00 -17.59
C TYR B 293 -6.29 -0.19 -17.97
N ALA B 294 -7.14 -0.33 -16.96
CA ALA B 294 -8.59 -0.30 -17.17
C ALA B 294 -8.99 1.16 -17.34
N VAL B 295 -9.84 1.41 -18.32
CA VAL B 295 -10.29 2.77 -18.63
C VAL B 295 -11.80 2.76 -18.74
N ALA B 296 -12.44 3.60 -17.94
CA ALA B 296 -13.91 3.65 -17.87
C ALA B 296 -14.43 4.97 -18.44
N PRO B 297 -15.35 4.91 -19.40
CA PRO B 297 -16.08 6.12 -19.80
C PRO B 297 -16.98 6.69 -18.68
N ARG B 298 -17.49 5.81 -17.82
CA ARG B 298 -18.44 6.18 -16.76
C ARG B 298 -19.64 6.97 -17.31
N ILE B 299 -20.10 6.57 -18.50
CA ILE B 299 -21.32 7.07 -19.10
C ILE B 299 -22.29 5.91 -19.16
N PHE B 300 -23.54 6.17 -18.78
CA PHE B 300 -24.55 5.12 -18.66
C PHE B 300 -25.51 5.22 -19.84
N THR B 301 -25.90 4.07 -20.38
CA THR B 301 -26.92 4.01 -21.43
C THR B 301 -28.14 3.26 -20.90
N SER B 302 -29.30 3.91 -20.97
CA SER B 302 -30.58 3.29 -20.61
CA SER B 302 -30.58 3.29 -20.62
C SER B 302 -31.33 2.89 -21.88
N SER B 303 -31.34 1.59 -22.16
CA SER B 303 -32.08 1.04 -23.30
C SER B 303 -33.54 0.91 -22.90
N ILE B 304 -34.44 1.59 -23.60
CA ILE B 304 -35.84 1.68 -23.20
C ILE B 304 -36.54 0.33 -23.36
N VAL B 305 -37.09 -0.16 -22.25
CA VAL B 305 -37.75 -1.46 -22.22
C VAL B 305 -39.02 -1.41 -21.39
N LYS B 306 -39.77 -2.51 -21.39
CA LYS B 306 -40.98 -2.65 -20.59
C LYS B 306 -40.80 -2.09 -19.18
N ASP B 307 -39.74 -2.52 -18.50
CA ASP B 307 -39.51 -2.12 -17.11
C ASP B 307 -39.20 -0.63 -16.94
N SER B 308 -38.74 0.04 -18.00
CA SER B 308 -38.56 1.50 -17.96
C SER B 308 -39.88 2.19 -17.61
N PHE B 309 -40.98 1.64 -18.11
CA PHE B 309 -42.31 2.16 -17.86
C PHE B 309 -42.86 1.68 -16.52
N LEU B 310 -42.66 0.40 -16.22
CA LEU B 310 -43.13 -0.17 -14.96
C LEU B 310 -42.45 0.41 -13.71
N LEU B 311 -41.17 0.79 -13.83
CA LEU B 311 -40.40 1.32 -12.69
C LEU B 311 -40.00 2.79 -12.82
N GLY B 312 -40.39 3.42 -13.93
CA GLY B 312 -39.99 4.81 -14.23
C GLY B 312 -40.08 5.85 -13.12
N PRO B 313 -41.22 5.90 -12.40
CA PRO B 313 -41.40 6.99 -11.43
C PRO B 313 -40.36 6.97 -10.31
N LYS B 314 -39.96 5.77 -9.91
CA LYS B 314 -39.01 5.58 -8.83
C LYS B 314 -37.60 6.01 -9.26
N PHE B 315 -37.29 5.75 -10.53
CA PHE B 315 -35.97 6.03 -11.05
C PHE B 315 -35.84 7.48 -11.48
N MET B 316 -36.95 8.16 -11.75
CA MET B 316 -36.97 9.42 -12.51
C MET B 316 -36.04 10.50 -11.96
N HIS B 317 -35.83 10.51 -10.65
CA HIS B 317 -34.84 11.42 -10.06
C HIS B 317 -33.41 11.08 -10.53
N LEU B 318 -33.26 9.99 -11.28
CA LEU B 318 -31.99 9.61 -11.89
C LEU B 318 -32.09 8.97 -13.32
N LEU B 319 -33.25 8.43 -13.69
CA LEU B 319 -33.50 7.88 -15.04
C LEU B 319 -33.96 8.98 -15.98
N GLY B 320 -33.01 9.61 -16.67
CA GLY B 320 -33.32 10.70 -17.60
C GLY B 320 -33.59 12.02 -16.89
N GLY B 321 -33.51 11.98 -15.55
CA GLY B 321 -33.64 13.17 -14.71
C GLY B 321 -32.43 13.23 -13.80
N GLY B 322 -32.21 14.39 -13.19
CA GLY B 322 -30.96 14.65 -12.50
C GLY B 322 -29.88 14.96 -13.53
N GLU B 323 -28.70 15.35 -13.06
CA GLU B 323 -27.62 15.79 -13.95
C GLU B 323 -26.49 14.75 -14.04
N LEU B 324 -26.87 13.48 -14.13
CA LEU B 324 -25.91 12.38 -14.28
C LEU B 324 -25.73 12.05 -15.77
N PRO B 325 -24.54 11.55 -16.16
CA PRO B 325 -24.27 11.33 -17.58
C PRO B 325 -24.97 10.08 -18.10
N LEU B 326 -26.24 10.26 -18.48
CA LEU B 326 -27.07 9.17 -19.00
C LEU B 326 -27.49 9.46 -20.43
N GLU B 327 -27.53 8.41 -21.25
CA GLU B 327 -28.09 8.50 -22.59
C GLU B 327 -29.23 7.48 -22.73
N PHE B 328 -30.27 7.86 -23.47
CA PHE B 328 -31.33 6.93 -23.83
C PHE B 328 -30.93 6.23 -25.13
N SER B 329 -31.29 4.95 -25.22
CA SER B 329 -31.19 4.21 -26.47
C SER B 329 -32.51 3.47 -26.68
N ILE B 330 -32.86 3.24 -27.94
CA ILE B 330 -34.04 2.45 -28.26
C ILE B 330 -33.72 1.50 -29.40
N GLY B 331 -34.19 0.26 -29.29
CA GLY B 331 -33.92 -0.73 -30.31
C GLY B 331 -34.68 -2.03 -30.11
N GLU B 332 -34.06 -3.14 -30.50
CA GLU B 332 -34.71 -4.46 -30.41
C GLU B 332 -35.04 -4.86 -28.98
N ASP B 333 -34.29 -4.32 -28.01
CA ASP B 333 -34.55 -4.57 -26.59
C ASP B 333 -36.01 -4.32 -26.21
N LEU B 334 -36.59 -3.26 -26.75
CA LEU B 334 -37.97 -2.87 -26.39
C LEU B 334 -38.92 -4.02 -26.71
N PHE B 335 -38.96 -4.43 -27.97
CA PHE B 335 -39.82 -5.53 -28.40
C PHE B 335 -39.51 -6.81 -27.62
N ASN B 336 -38.22 -7.13 -27.53
CA ASN B 336 -37.77 -8.33 -26.82
C ASN B 336 -38.18 -8.35 -25.34
N SER B 337 -38.15 -7.18 -24.69
CA SER B 337 -38.51 -7.08 -23.27
C SER B 337 -39.97 -7.44 -23.02
N PHE B 338 -40.85 -7.11 -23.97
CA PHE B 338 -42.26 -7.49 -23.86
C PHE B 338 -42.50 -8.97 -24.17
N LYS B 339 -41.55 -9.60 -24.85
CA LYS B 339 -41.63 -11.04 -25.17
C LYS B 339 -41.00 -11.92 -24.08
N MET B 340 -40.00 -11.38 -23.38
CA MET B 340 -39.38 -12.05 -22.23
C MET B 340 -40.46 -12.57 -21.29
N PRO B 341 -40.54 -13.91 -21.12
CA PRO B 341 -41.53 -14.42 -20.17
C PRO B 341 -41.19 -14.03 -18.73
N THR B 342 -42.21 -13.67 -17.96
CA THR B 342 -42.04 -13.33 -16.54
C THR B 342 -42.55 -14.45 -15.64
N SER B 343 -43.05 -15.53 -16.24
CA SER B 343 -43.55 -16.70 -15.51
C SER B 343 -43.15 -17.97 -16.26
N TRP B 344 -42.83 -19.02 -15.53
CA TRP B 344 -42.49 -20.31 -16.12
C TRP B 344 -42.71 -21.44 -15.12
N LYS B 345 -43.04 -22.62 -15.63
CA LYS B 345 -43.16 -23.81 -14.79
C LYS B 345 -41.75 -24.32 -14.52
N LEU B 346 -41.57 -25.01 -13.39
CA LEU B 346 -40.25 -25.51 -13.03
C LEU B 346 -39.84 -26.75 -13.82
N ASP B 347 -40.76 -27.27 -14.64
CA ASP B 347 -40.48 -28.42 -15.52
C ASP B 347 -40.37 -28.02 -17.00
N GLU B 348 -40.17 -26.73 -17.28
CA GLU B 348 -39.93 -26.24 -18.64
C GLU B 348 -38.71 -25.33 -18.70
N LYS B 349 -38.28 -25.01 -19.92
CA LYS B 349 -37.11 -24.15 -20.13
C LYS B 349 -37.36 -22.73 -19.64
N SER B 350 -36.45 -22.23 -18.81
CA SER B 350 -36.54 -20.89 -18.25
C SER B 350 -35.73 -19.92 -19.11
N PRO B 351 -35.97 -18.61 -18.98
CA PRO B 351 -35.15 -17.63 -19.71
C PRO B 351 -33.65 -17.72 -19.39
N PHE B 352 -33.33 -18.23 -18.20
CA PHE B 352 -31.94 -18.40 -17.75
C PHE B 352 -31.15 -19.37 -18.62
N GLU B 353 -31.86 -20.29 -19.26
CA GLU B 353 -31.22 -21.31 -20.10
C GLU B 353 -30.97 -20.83 -21.52
N GLN B 354 -31.57 -19.70 -21.90
CA GLN B 354 -31.30 -19.06 -23.18
C GLN B 354 -30.16 -18.03 -23.06
N TYR B 355 -30.20 -17.22 -22.02
CA TYR B 355 -29.16 -16.20 -21.77
C TYR B 355 -28.28 -16.61 -20.60
N ARG B 356 -27.39 -17.55 -20.83
CA ARG B 356 -26.52 -18.08 -19.76
C ARG B 356 -25.42 -17.10 -19.37
N ILE B 357 -24.95 -16.32 -20.34
CA ILE B 357 -23.91 -15.32 -20.12
C ILE B 357 -24.31 -14.06 -20.88
N ALA B 358 -25.09 -13.21 -20.22
CA ALA B 358 -25.68 -12.05 -20.88
C ALA B 358 -24.82 -10.80 -20.71
N THR B 359 -24.88 -9.93 -21.71
CA THR B 359 -24.23 -8.64 -21.62
C THR B 359 -24.90 -7.66 -22.58
N ALA B 360 -24.36 -6.44 -22.65
CA ALA B 360 -24.78 -5.45 -23.62
C ALA B 360 -23.63 -5.22 -24.59
N THR B 361 -23.96 -4.89 -25.84
CA THR B 361 -22.94 -4.53 -26.81
C THR B 361 -22.29 -3.22 -26.38
N GLN B 362 -20.98 -3.13 -26.56
CA GLN B 362 -20.21 -1.94 -26.18
C GLN B 362 -20.57 -0.74 -27.05
N ASN B 363 -20.39 0.45 -26.49
CA ASN B 363 -20.44 1.68 -27.25
C ASN B 363 -19.02 2.09 -27.63
N THR B 364 -18.64 1.80 -28.87
CA THR B 364 -17.28 2.06 -29.36
C THR B 364 -16.93 3.55 -29.33
N GLU B 365 -17.90 4.41 -29.59
CA GLU B 365 -17.68 5.86 -29.58
C GLU B 365 -17.27 6.35 -28.18
N HIS B 366 -18.01 5.93 -27.17
CA HIS B 366 -17.68 6.25 -25.76
C HIS B 366 -16.26 5.84 -25.41
N LEU B 367 -15.87 4.63 -25.84
CA LEU B 367 -14.56 4.08 -25.53
C LEU B 367 -13.44 4.82 -26.25
N ASP B 368 -13.68 5.17 -27.51
CA ASP B 368 -12.71 5.97 -28.28
C ASP B 368 -12.55 7.34 -27.64
N ALA B 369 -13.66 7.97 -27.28
CA ALA B 369 -13.66 9.31 -26.72
C ALA B 369 -12.86 9.39 -25.42
N VAL B 370 -13.11 8.49 -24.48
CA VAL B 370 -12.38 8.51 -23.20
C VAL B 370 -10.88 8.26 -23.40
N PHE B 371 -10.53 7.37 -24.33
CA PHE B 371 -9.12 7.06 -24.58
C PHE B 371 -8.40 8.27 -25.17
N GLN B 372 -9.08 8.99 -26.05
CA GLN B 372 -8.53 10.22 -26.64
C GLN B 372 -8.35 11.32 -25.58
N ARG B 373 -9.35 11.52 -24.73
CA ARG B 373 -9.25 12.49 -23.64
C ARG B 373 -8.06 12.16 -22.74
N MET B 374 -7.90 10.87 -22.46
CA MET B 374 -6.80 10.35 -21.68
C MET B 374 -5.43 10.64 -22.32
N LYS B 375 -5.33 10.41 -23.63
CA LYS B 375 -4.11 10.71 -24.38
C LYS B 375 -3.75 12.19 -24.37
N THR B 376 -4.76 13.04 -24.41
CA THR B 376 -4.57 14.49 -24.42
C THR B 376 -4.07 14.97 -23.05
N GLU B 377 -4.64 14.42 -21.97
CA GLU B 377 -4.24 14.77 -20.62
C GLU B 377 -2.88 14.19 -20.24
N PHE B 378 -2.61 12.96 -20.68
CA PHE B 378 -1.37 12.24 -20.39
C PHE B 378 -0.74 11.74 -21.68
N PRO B 379 0.02 12.58 -22.39
CA PRO B 379 0.62 12.25 -23.70
C PRO B 379 1.44 10.97 -23.77
N VAL B 380 1.93 10.45 -22.63
CA VAL B 380 2.62 9.15 -22.66
C VAL B 380 1.72 8.07 -23.27
N PHE B 381 0.40 8.20 -23.09
CA PHE B 381 -0.55 7.23 -23.65
C PHE B 381 -0.75 7.33 -25.16
N GLU B 382 -0.10 8.30 -25.82
CA GLU B 382 -0.11 8.32 -27.28
C GLU B 382 0.45 7.02 -27.87
N LYS B 383 1.39 6.39 -27.15
CA LYS B 383 1.98 5.12 -27.58
C LYS B 383 1.32 3.89 -26.95
N SER B 384 0.25 4.10 -26.17
CA SER B 384 -0.55 2.99 -25.66
C SER B 384 -1.52 2.53 -26.74
N GLN B 385 -1.87 1.24 -26.74
CA GLN B 385 -2.87 0.73 -27.66
C GLN B 385 -3.98 -0.01 -26.94
N ILE B 386 -5.12 -0.12 -27.59
CA ILE B 386 -6.29 -0.81 -27.04
C ILE B 386 -5.97 -2.30 -26.97
N VAL B 387 -6.21 -2.88 -25.79
CA VAL B 387 -5.94 -4.29 -25.55
C VAL B 387 -7.21 -5.11 -25.64
N GLU B 388 -8.31 -4.56 -25.11
CA GLU B 388 -9.56 -5.31 -25.00
C GLU B 388 -10.71 -4.35 -24.75
N ARG B 389 -11.87 -4.65 -25.34
CA ARG B 389 -13.08 -3.87 -25.12
C ARG B 389 -14.28 -4.79 -24.89
N TRP B 390 -15.20 -4.35 -24.05
CA TRP B 390 -16.41 -5.11 -23.81
C TRP B 390 -17.53 -4.24 -23.29
N GLY B 391 -18.75 -4.77 -23.36
CA GLY B 391 -19.93 -4.14 -22.80
C GLY B 391 -20.38 -4.90 -21.58
N ALA B 392 -21.32 -4.32 -20.84
CA ALA B 392 -21.77 -4.90 -19.58
C ALA B 392 -23.11 -4.33 -19.15
N VAL B 393 -23.77 -5.01 -18.23
CA VAL B 393 -25.07 -4.58 -17.71
C VAL B 393 -25.01 -4.59 -16.18
N VAL B 394 -25.50 -3.51 -15.56
CA VAL B 394 -25.78 -3.49 -14.12
C VAL B 394 -27.26 -3.26 -13.92
N SER B 395 -27.74 -3.53 -12.71
CA SER B 395 -29.16 -3.40 -12.38
CA SER B 395 -29.16 -3.40 -12.39
C SER B 395 -29.36 -2.85 -10.97
N PRO B 396 -29.13 -1.54 -10.78
CA PRO B 396 -29.33 -0.95 -9.45
C PRO B 396 -30.78 -0.78 -9.07
N THR B 397 -31.01 -0.60 -7.76
CA THR B 397 -32.28 -0.07 -7.26
C THR B 397 -32.30 1.43 -7.53
N PHE B 398 -33.40 2.07 -7.17
CA PHE B 398 -33.55 3.52 -7.35
C PHE B 398 -33.03 4.35 -6.18
N ASP B 399 -32.64 3.72 -5.08
CA ASP B 399 -32.28 4.46 -3.85
C ASP B 399 -30.82 4.33 -3.41
N GLU B 400 -29.96 3.90 -4.32
CA GLU B 400 -28.51 3.82 -4.05
C GLU B 400 -28.18 2.89 -2.88
N LEU B 401 -29.00 1.87 -2.69
CA LEU B 401 -28.77 0.87 -1.64
C LEU B 401 -28.96 -0.52 -2.23
N PRO B 402 -28.11 -1.47 -1.81
CA PRO B 402 -28.30 -2.85 -2.27
C PRO B 402 -29.51 -3.50 -1.62
N ILE B 403 -29.84 -4.69 -2.10
CA ILE B 403 -30.83 -5.55 -1.47
C ILE B 403 -30.08 -6.71 -0.85
N ILE B 404 -29.98 -6.68 0.47
CA ILE B 404 -29.40 -7.75 1.27
C ILE B 404 -30.41 -8.01 2.37
N SER B 405 -31.24 -9.03 2.18
CA SER B 405 -32.48 -9.12 2.92
C SER B 405 -33.11 -10.50 2.91
N GLU B 406 -33.73 -10.87 4.03
CA GLU B 406 -34.69 -11.95 4.04
C GLU B 406 -35.89 -11.58 3.19
N VAL B 407 -36.60 -12.60 2.71
CA VAL B 407 -37.83 -12.42 1.98
C VAL B 407 -38.95 -12.96 2.87
N LYS B 408 -39.79 -12.06 3.37
CA LYS B 408 -40.83 -12.42 4.35
C LYS B 408 -41.79 -13.48 3.83
N GLU B 409 -42.12 -13.43 2.54
CA GLU B 409 -43.04 -14.38 1.93
C GLU B 409 -42.46 -15.79 1.87
N TYR B 410 -41.13 -15.91 1.89
CA TYR B 410 -40.46 -17.19 1.72
C TYR B 410 -39.37 -17.39 2.78
N PRO B 411 -39.78 -17.77 4.00
CA PRO B 411 -38.81 -18.08 5.04
C PRO B 411 -37.76 -19.07 4.56
N GLY B 412 -36.49 -18.75 4.78
CA GLY B 412 -35.38 -19.55 4.27
C GLY B 412 -34.65 -18.90 3.11
N LEU B 413 -35.32 -17.97 2.43
CA LEU B 413 -34.74 -17.27 1.28
C LEU B 413 -34.11 -15.95 1.69
N VAL B 414 -32.89 -15.73 1.24
CA VAL B 414 -32.16 -14.49 1.49
C VAL B 414 -31.65 -14.00 0.14
N ILE B 415 -31.80 -12.70 -0.10
CA ILE B 415 -31.36 -12.08 -1.34
C ILE B 415 -30.12 -11.23 -1.07
N ASN B 416 -29.15 -11.32 -1.99
CA ASN B 416 -27.94 -10.50 -1.97
C ASN B 416 -27.68 -10.06 -3.41
N THR B 417 -28.18 -8.88 -3.76
CA THR B 417 -28.17 -8.43 -5.16
C THR B 417 -28.38 -6.91 -5.28
N ALA B 418 -28.54 -6.46 -6.52
CA ALA B 418 -28.89 -5.07 -6.85
C ALA B 418 -27.90 -4.03 -6.34
N THR B 419 -26.60 -4.31 -6.48
CA THR B 419 -25.58 -3.32 -6.15
C THR B 419 -24.74 -2.98 -7.38
N VAL B 420 -24.31 -1.73 -7.44
CA VAL B 420 -23.35 -1.31 -8.44
C VAL B 420 -21.92 -1.26 -7.88
N TRP B 421 -21.80 -1.59 -6.58
CA TRP B 421 -20.49 -1.57 -5.89
C TRP B 421 -20.15 -2.94 -5.32
N GLY B 422 -20.54 -3.99 -6.02
CA GLY B 422 -20.38 -5.37 -5.54
C GLY B 422 -18.96 -5.91 -5.48
N MET B 423 -18.07 -5.41 -6.34
CA MET B 423 -16.66 -5.81 -6.24
C MET B 423 -16.10 -5.36 -4.89
N THR B 424 -16.43 -4.14 -4.49
CA THR B 424 -16.01 -3.59 -3.20
C THR B 424 -16.75 -4.24 -2.04
N GLU B 425 -18.07 -4.30 -2.15
CA GLU B 425 -18.93 -4.75 -1.07
C GLU B 425 -18.94 -6.26 -0.87
N GLY B 426 -18.64 -7.00 -1.94
CA GLY B 426 -18.79 -8.47 -1.98
C GLY B 426 -18.32 -9.22 -0.75
N PRO B 427 -17.06 -9.01 -0.33
CA PRO B 427 -16.57 -9.70 0.86
C PRO B 427 -17.37 -9.38 2.13
N ALA B 428 -17.77 -8.11 2.28
CA ALA B 428 -18.57 -7.69 3.42
C ALA B 428 -20.01 -8.19 3.33
N ALA B 429 -20.62 -8.02 2.15
CA ALA B 429 -22.00 -8.45 1.94
C ALA B 429 -22.15 -9.96 2.06
N GLY B 430 -21.12 -10.69 1.64
CA GLY B 430 -21.12 -12.14 1.75
C GLY B 430 -21.15 -12.57 3.21
N GLU B 431 -20.41 -11.84 4.06
CA GLU B 431 -20.43 -12.12 5.50
C GLU B 431 -21.79 -11.76 6.10
N VAL B 432 -22.32 -10.59 5.76
CA VAL B 432 -23.64 -10.18 6.23
C VAL B 432 -24.72 -11.18 5.81
N THR B 433 -24.67 -11.63 4.55
CA THR B 433 -25.64 -12.58 4.03
C THR B 433 -25.53 -13.92 4.78
N ALA B 434 -24.32 -14.39 5.00
CA ALA B 434 -24.10 -15.61 5.77
C ALA B 434 -24.66 -15.49 7.18
N ASP B 435 -24.48 -14.31 7.79
CA ASP B 435 -25.01 -14.03 9.12
C ASP B 435 -26.54 -14.12 9.15
N ILE B 436 -27.19 -13.53 8.14
CA ILE B 436 -28.64 -13.59 8.03
C ILE B 436 -29.10 -15.03 7.88
N VAL B 437 -28.42 -15.80 7.04
CA VAL B 437 -28.78 -17.22 6.84
C VAL B 437 -28.70 -18.01 8.15
N THR B 438 -27.63 -17.79 8.93
CA THR B 438 -27.35 -18.61 10.13
C THR B 438 -27.92 -18.06 11.44
N GLY B 439 -28.45 -16.84 11.42
CA GLY B 439 -29.03 -16.23 12.61
C GLY B 439 -28.04 -15.50 13.50
N LYS B 440 -26.82 -15.33 13.03
CA LYS B 440 -25.83 -14.51 13.73
C LYS B 440 -26.15 -13.04 13.48
N LYS B 441 -26.16 -12.24 14.54
CA LYS B 441 -26.36 -10.79 14.40
C LYS B 441 -25.28 -10.24 13.46
N PRO B 442 -25.69 -9.67 12.31
CA PRO B 442 -24.69 -9.28 11.32
C PRO B 442 -23.66 -8.27 11.79
N VAL B 443 -22.46 -8.39 11.22
CA VAL B 443 -21.33 -7.52 11.49
C VAL B 443 -21.65 -6.06 11.15
N ILE B 444 -22.52 -5.88 10.15
CA ILE B 444 -23.02 -4.57 9.74
C ILE B 444 -24.54 -4.63 9.73
N ASP B 445 -25.18 -3.59 10.27
CA ASP B 445 -26.64 -3.49 10.32
C ASP B 445 -27.22 -3.55 8.90
N PRO B 446 -28.00 -4.60 8.59
CA PRO B 446 -28.54 -4.73 7.23
C PRO B 446 -29.93 -4.11 7.06
N THR B 447 -30.45 -3.48 8.11
CA THR B 447 -31.78 -2.86 8.05
C THR B 447 -31.95 -1.90 6.86
N PRO B 448 -30.94 -1.06 6.56
CA PRO B 448 -31.11 -0.17 5.41
C PRO B 448 -31.24 -0.90 4.06
N PHE B 449 -30.77 -2.15 4.01
CA PHE B 449 -30.76 -2.94 2.77
C PHE B 449 -31.95 -3.88 2.65
N SER B 450 -32.90 -3.76 3.59
CA SER B 450 -34.05 -4.64 3.64
C SER B 450 -35.05 -4.38 2.51
N LEU B 451 -35.75 -5.41 2.10
CA LEU B 451 -36.88 -5.28 1.17
C LEU B 451 -38.03 -4.50 1.81
N ASP B 452 -38.07 -4.46 3.14
CA ASP B 452 -39.10 -3.72 3.90
C ASP B 452 -39.23 -2.27 3.44
N ARG B 453 -38.10 -1.68 3.01
CA ARG B 453 -38.10 -0.27 2.61
C ARG B 453 -38.97 0.03 1.40
N PHE B 454 -39.33 -0.97 0.61
CA PHE B 454 -40.16 -0.77 -0.58
C PHE B 454 -41.67 -0.90 -0.33
N LYS B 455 -42.07 -1.36 0.85
CA LYS B 455 -43.46 -1.70 1.12
C LYS B 455 -44.31 -0.47 1.48
N LYS B 456 -45.63 -0.69 1.58
CA LYS B 456 -46.60 0.35 1.96
C LYS B 456 -46.60 1.52 0.97
PA FAD C . 23.85 11.15 9.48
O1A FAD C . 25.24 10.68 9.21
O2A FAD C . 22.84 11.09 8.35
O5B FAD C . 23.89 12.65 10.04
C5B FAD C . 24.85 13.10 10.97
C4B FAD C . 25.18 14.52 10.56
O4B FAD C . 25.84 15.19 11.61
C3B FAD C . 26.07 14.57 9.32
O3B FAD C . 25.38 15.27 8.28
C2B FAD C . 27.33 15.27 9.81
O2B FAD C . 27.90 16.14 8.83
C1B FAD C . 26.84 16.03 11.03
N9A FAD C . 27.83 16.27 12.09
C8A FAD C . 28.59 15.34 12.70
N7A FAD C . 29.35 15.91 13.65
C5A FAD C . 29.08 17.23 13.67
C6A FAD C . 29.54 18.41 14.42
N6A FAD C . 30.48 18.28 15.38
N1A FAD C . 29.00 19.61 14.13
C2A FAD C . 28.05 19.76 13.16
N3A FAD C . 27.60 18.72 12.44
C4A FAD C . 28.06 17.46 12.64
N1 FAD C . 18.64 2.52 7.22
C2 FAD C . 17.44 1.91 7.02
O2 FAD C . 16.55 2.07 7.89
N3 FAD C . 17.18 1.17 5.94
C4 FAD C . 18.10 0.98 4.96
O4 FAD C . 17.87 0.30 3.95
C4X FAD C . 19.42 1.60 5.10
N5 FAD C . 20.39 1.45 4.16
C5X FAD C . 21.60 2.03 4.32
C6 FAD C . 22.59 1.87 3.33
C7 FAD C . 23.82 2.48 3.46
C7M FAD C . 24.86 2.29 2.38
C8 FAD C . 24.10 3.29 4.66
C8M FAD C . 25.43 3.97 4.82
C9 FAD C . 23.14 3.47 5.65
C9A FAD C . 21.88 2.86 5.52
N10 FAD C . 20.87 3.02 6.51
C10 FAD C . 19.64 2.40 6.32
C1' FAD C . 21.08 3.75 7.76
C2' FAD C . 20.74 5.20 7.78
O2' FAD C . 21.19 5.78 6.55
C3' FAD C . 21.45 5.78 8.99
O3' FAD C . 21.26 4.96 10.16
C4' FAD C . 20.90 7.15 9.27
O4' FAD C . 21.06 7.94 8.07
C5' FAD C . 21.63 7.76 10.44
O5' FAD C . 21.17 9.09 10.55
P FAD C . 21.95 10.14 11.47
O1P FAD C . 21.16 11.42 11.42
O2P FAD C . 22.19 9.47 12.80
O3P FAD C . 23.40 10.28 10.77
C BE2 D . 20.65 -2.59 3.81
O BE2 D . 19.49 -2.67 4.26
OXT BE2 D . 20.94 -3.04 2.67
C1 BE2 D . 21.73 -1.96 4.64
CA BE2 D . 21.43 -1.33 5.97
C3 BE2 D . 22.47 -0.76 6.68
N BE2 D . 20.17 -1.31 6.48
C4 BE2 D . 23.76 -0.76 6.18
C5 BE2 D . 24.04 -1.35 4.94
C6 BE2 D . 23.04 -1.93 4.18
PA FAD E . -23.09 -11.15 -11.05
O1A FAD E . -23.87 -10.67 -12.24
O2A FAD E . -21.58 -11.06 -11.10
O5B FAD E . -23.39 -12.70 -10.80
C5B FAD E . -24.70 -13.23 -10.86
C4B FAD E . -24.56 -14.61 -11.49
O4B FAD E . -25.77 -15.34 -11.30
C3B FAD E . -24.33 -14.54 -12.99
O3B FAD E . -23.10 -15.21 -13.33
C2B FAD E . -25.54 -15.22 -13.62
O2B FAD E . -25.22 -16.00 -14.77
C1B FAD E . -26.04 -16.09 -12.48
N9A FAD E . -27.49 -16.38 -12.46
C8A FAD E . -28.49 -15.49 -12.54
N7A FAD E . -29.69 -16.10 -12.46
C5A FAD E . -29.45 -17.43 -12.31
C6A FAD E . -30.26 -18.64 -12.15
N6A FAD E . -31.61 -18.54 -12.16
N1A FAD E . -29.61 -19.82 -12.01
C2A FAD E . -28.28 -19.91 -12.01
N3A FAD E . -27.46 -18.84 -12.15
C4A FAD E . -27.99 -17.59 -12.29
N1 FAD E . -18.19 -2.48 -8.35
C2 FAD E . -17.25 -1.86 -7.61
O2 FAD E . -17.24 -2.09 -6.37
N3 FAD E . -16.33 -1.02 -8.14
C4 FAD E . -16.30 -0.73 -9.46
O4 FAD E . -15.45 0.03 -9.95
C4X FAD E . -17.30 -1.37 -10.36
N5 FAD E . -17.33 -1.14 -11.71
C5X FAD E . -18.25 -1.75 -12.49
C6 FAD E . -18.29 -1.52 -13.87
C7 FAD E . -19.22 -2.14 -14.67
C7M FAD E . -19.20 -1.88 -16.16
C8 FAD E . -20.21 -3.06 -14.09
C8M FAD E . -21.22 -3.75 -14.97
C9 FAD E . -20.19 -3.30 -12.72
C9A FAD E . -19.26 -2.67 -11.89
N10 FAD E . -19.21 -2.91 -10.49
C10 FAD E . -18.26 -2.28 -9.70
C1' FAD E . -20.22 -3.72 -9.81
C2' FAD E . -19.96 -5.16 -9.61
O2' FAD E . -19.40 -5.64 -10.81
C3' FAD E . -21.31 -5.79 -9.30
O3' FAD E . -22.06 -5.06 -8.31
C4' FAD E . -21.05 -7.20 -8.83
O4' FAD E . -20.30 -7.89 -9.84
C5' FAD E . -22.37 -7.91 -8.61
O5' FAD E . -22.03 -9.23 -8.23
P FAD E . -23.16 -10.36 -8.23
O1P FAD E . -22.47 -11.62 -7.81
O2P FAD E . -24.32 -9.80 -7.46
O3P FAD E . -23.70 -10.41 -9.75
C BE2 F . -17.42 2.90 -11.69
O BE2 F . -16.91 2.88 -10.54
OXT BE2 F . -16.88 3.47 -12.66
C1 BE2 F . -18.74 2.21 -11.91
CA BE2 F . -19.42 1.45 -10.81
C3 BE2 F . -20.63 0.83 -11.10
N BE2 F . -18.89 1.35 -9.58
C4 BE2 F . -21.20 0.91 -12.36
C5 BE2 F . -20.56 1.62 -13.37
C6 BE2 F . -19.35 2.26 -13.15
#